data_2RC5
#
_entry.id   2RC5
#
_cell.length_a   65.112
_cell.length_b   111.832
_cell.length_c   89.913
_cell.angle_alpha   90.00
_cell.angle_beta   92.76
_cell.angle_gamma   90.00
#
_symmetry.space_group_name_H-M   'P 1 21 1'
#
loop_
_entity.id
_entity.type
_entity.pdbx_description
1 polymer 'Ferredoxin-NADP reductase'
2 non-polymer 'SULFATE ION'
3 non-polymer 'ZINC ION'
4 non-polymer 'FLAVIN-ADENINE DINUCLEOTIDE'
5 water water
#
_entity_poly.entity_id   1
_entity_poly.type   'polypeptide(L)'
_entity_poly.pdbx_seq_one_letter_code
;MHSLMKPTREPQINLFKKSNPYKAKVISNVLLTPETGTGKRPKKEGEALVHRIVLAIDHSAYPYVIGQSGGVIPPGEDPE
KKAKGLADVGYTVRLYSIASPSYSFGMKEDNIEFIIKRDNIYDENGNIQFKGVCSNYMCDLKPGDEVTMTGPSGKKFLLP
NTDFSGDIMFLATGTGIAPFIGMSEELLEHKLIKFTGNITLVYGAPYSDELVMMDYLKGLESKHKNFKLITAISREEKNS
FDGGRMYISHRVREQAEAVKKILNGGGRFYICGGPKGMEKGVIEEIQKISGNTGTYEEFKHHLEGAHQLFVETY
;
_entity_poly.pdbx_strand_id   A,B,C,D
#
# COMPACT_ATOMS: atom_id res chain seq x y z
N PRO A 7 1.46 18.22 -28.30
CA PRO A 7 0.87 19.34 -27.57
C PRO A 7 -0.46 19.77 -28.17
N THR A 8 -0.86 21.01 -27.93
CA THR A 8 -2.25 21.44 -28.07
C THR A 8 -3.20 20.34 -28.60
N ARG A 9 -4.25 20.09 -27.82
CA ARG A 9 -5.38 19.23 -28.22
C ARG A 9 -5.86 19.58 -29.63
N GLU A 10 -6.72 18.71 -30.18
CA GLU A 10 -7.23 18.83 -31.54
C GLU A 10 -6.14 18.40 -32.50
N PRO A 11 -6.25 17.17 -33.00
CA PRO A 11 -5.26 16.59 -33.88
C PRO A 11 -5.15 17.31 -35.21
N GLN A 12 -3.92 17.61 -35.59
CA GLN A 12 -3.63 18.14 -36.91
C GLN A 12 -2.89 17.06 -37.67
N ILE A 13 -3.10 17.02 -38.97
CA ILE A 13 -2.39 16.05 -39.80
C ILE A 13 -1.72 16.78 -40.96
N ASN A 14 -0.64 16.20 -41.46
CA ASN A 14 0.04 16.66 -42.68
C ASN A 14 0.49 18.11 -42.62
N LEU A 15 0.92 18.51 -41.43
CA LEU A 15 1.53 19.81 -41.23
C LEU A 15 2.86 19.86 -41.94
N PHE A 16 3.51 18.69 -41.98
CA PHE A 16 4.76 18.49 -42.66
C PHE A 16 4.63 17.30 -43.58
N LYS A 17 5.16 17.45 -44.80
CA LYS A 17 5.10 16.43 -45.83
C LYS A 17 6.52 16.34 -46.38
N LYS A 18 6.75 15.42 -47.30
CA LYS A 18 8.08 15.31 -47.92
C LYS A 18 8.56 16.61 -48.57
N SER A 19 7.63 17.39 -49.11
CA SER A 19 7.96 18.70 -49.72
C SER A 19 8.27 19.82 -48.72
N ASN A 20 7.67 19.75 -47.53
CA ASN A 20 8.07 20.62 -46.41
C ASN A 20 8.29 19.83 -45.09
N PRO A 21 9.40 19.09 -44.99
CA PRO A 21 9.57 18.26 -43.80
C PRO A 21 9.90 19.04 -42.54
N TYR A 22 9.78 18.37 -41.40
CA TYR A 22 10.19 18.93 -40.13
C TYR A 22 11.52 18.31 -39.75
N LYS A 23 12.48 19.15 -39.43
CA LYS A 23 13.80 18.70 -39.02
C LYS A 23 13.83 18.62 -37.49
N ALA A 24 13.99 17.41 -36.96
CA ALA A 24 14.08 17.20 -35.51
C ALA A 24 15.46 16.69 -35.16
N LYS A 25 16.02 17.17 -34.05
CA LYS A 25 17.31 16.70 -33.60
C LYS A 25 17.16 15.58 -32.59
N VAL A 26 18.05 14.59 -32.68
CA VAL A 26 18.04 13.45 -31.77
C VAL A 26 18.55 13.86 -30.41
N ILE A 27 17.74 13.58 -29.40
CA ILE A 27 18.15 13.75 -28.04
C ILE A 27 18.81 12.44 -27.63
N SER A 28 18.09 11.35 -27.81
CA SER A 28 18.56 10.06 -27.40
C SER A 28 17.96 8.95 -28.27
N ASN A 29 18.67 7.84 -28.30
CA ASN A 29 18.25 6.66 -29.00
C ASN A 29 18.86 5.50 -28.24
N VAL A 30 18.11 4.93 -27.31
CA VAL A 30 18.67 3.86 -26.52
C VAL A 30 17.98 2.54 -26.81
N LEU A 31 18.79 1.50 -26.90
CA LEU A 31 18.34 0.15 -27.08
C LEU A 31 17.62 -0.30 -25.83
N LEU A 32 16.39 -0.77 -26.02
CA LEU A 32 15.50 -1.18 -24.92
C LEU A 32 15.54 -2.68 -24.66
N THR A 33 15.85 -3.43 -25.71
CA THR A 33 15.88 -4.86 -25.66
C THR A 33 17.33 -5.36 -25.58
N PRO A 34 17.55 -6.62 -25.18
CA PRO A 34 18.95 -7.04 -25.08
C PRO A 34 19.70 -6.93 -26.40
N GLU A 35 21.01 -6.71 -26.31
CA GLU A 35 21.87 -6.70 -27.49
C GLU A 35 21.82 -8.06 -28.16
N THR A 36 22.06 -8.07 -29.47
CA THR A 36 21.86 -9.29 -30.25
C THR A 36 22.81 -10.40 -29.78
N GLY A 37 22.26 -11.61 -29.68
CA GLY A 37 22.97 -12.76 -29.11
C GLY A 37 22.67 -12.90 -27.63
N THR A 38 22.48 -11.77 -26.96
CA THR A 38 22.03 -11.76 -25.57
C THR A 38 20.50 -11.92 -25.55
N GLY A 39 19.94 -12.11 -24.36
CA GLY A 39 18.50 -12.25 -24.24
C GLY A 39 17.98 -13.61 -24.63
N LYS A 40 16.66 -13.74 -24.54
CA LYS A 40 16.02 -15.04 -24.69
C LYS A 40 15.94 -15.57 -26.13
N ARG A 41 15.83 -14.67 -27.09
CA ARG A 41 15.64 -15.05 -28.47
C ARG A 41 16.83 -15.84 -29.01
N PRO A 42 16.57 -17.07 -29.45
CA PRO A 42 17.60 -17.90 -30.06
C PRO A 42 17.88 -17.49 -31.50
N LYS A 43 18.53 -18.36 -32.26
CA LYS A 43 19.65 -17.96 -33.10
C LYS A 43 19.20 -17.63 -34.52
N LYS A 44 18.75 -18.65 -35.24
CA LYS A 44 17.38 -18.71 -35.71
C LYS A 44 16.43 -17.99 -34.76
N GLU A 45 15.41 -17.35 -35.31
CA GLU A 45 14.59 -16.43 -34.57
C GLU A 45 15.42 -15.19 -34.41
N GLY A 46 15.02 -14.14 -35.04
CA GLY A 46 16.08 -13.31 -35.55
C GLY A 46 16.68 -12.47 -34.47
N GLU A 47 16.59 -11.18 -34.69
CA GLU A 47 16.96 -10.25 -33.70
C GLU A 47 15.73 -9.57 -33.31
N ALA A 48 15.72 -9.16 -32.07
CA ALA A 48 14.77 -8.15 -31.62
C ALA A 48 15.38 -6.94 -30.95
N LEU A 49 15.73 -5.98 -31.76
CA LEU A 49 16.40 -4.73 -31.38
C LEU A 49 15.47 -3.52 -31.45
N VAL A 50 14.96 -3.15 -30.28
CA VAL A 50 13.96 -2.09 -30.13
C VAL A 50 14.55 -0.90 -29.39
N HIS A 51 14.37 0.28 -29.97
CA HIS A 51 14.95 1.50 -29.45
C HIS A 51 13.90 2.51 -29.05
N ARG A 52 14.17 3.27 -28.00
CA ARG A 52 13.36 4.40 -27.68
C ARG A 52 14.10 5.59 -28.26
N ILE A 53 13.46 6.27 -29.20
CA ILE A 53 14.06 7.42 -29.84
C ILE A 53 13.37 8.69 -29.34
N VAL A 54 14.17 9.61 -28.80
CA VAL A 54 13.66 10.88 -28.32
C VAL A 54 14.24 11.95 -29.22
N LEU A 55 13.35 12.67 -29.87
CA LEU A 55 13.74 13.74 -30.76
C LEU A 55 13.28 15.02 -30.13
N ALA A 56 14.11 16.06 -30.29
CA ALA A 56 13.75 17.40 -29.90
C ALA A 56 12.83 17.97 -30.98
N ILE A 57 11.65 18.42 -30.54
CA ILE A 57 10.74 19.11 -31.45
C ILE A 57 10.22 20.40 -30.84
N ASP A 58 9.88 21.34 -31.71
CA ASP A 58 9.14 22.52 -31.35
C ASP A 58 7.66 22.11 -31.38
N HIS A 59 7.07 22.03 -30.20
CA HIS A 59 5.67 21.65 -30.02
C HIS A 59 4.66 22.63 -30.66
N SER A 60 5.11 23.85 -30.93
CA SER A 60 4.33 24.82 -31.71
C SER A 60 4.35 24.50 -33.21
N ALA A 61 5.48 23.97 -33.68
CA ALA A 61 5.58 23.48 -35.06
C ALA A 61 4.95 22.10 -35.20
N TYR A 62 5.23 21.23 -34.25
CA TYR A 62 4.74 19.86 -34.30
C TYR A 62 3.79 19.56 -33.14
N PRO A 63 2.58 20.09 -33.23
CA PRO A 63 1.61 19.98 -32.12
C PRO A 63 0.83 18.66 -32.18
N TYR A 64 1.58 17.58 -31.99
CA TYR A 64 1.06 16.23 -32.13
C TYR A 64 0.15 15.85 -30.96
N VAL A 65 -0.76 14.92 -31.22
CA VAL A 65 -1.59 14.33 -30.17
C VAL A 65 -1.13 12.87 -30.03
N ILE A 66 -1.14 12.37 -28.80
CA ILE A 66 -0.83 10.96 -28.58
C ILE A 66 -1.90 10.11 -29.26
N GLY A 67 -1.47 9.06 -29.94
CA GLY A 67 -2.36 8.28 -30.79
C GLY A 67 -2.06 8.54 -32.25
N GLN A 68 -1.39 9.66 -32.53
CA GLN A 68 -0.98 9.96 -33.89
C GLN A 68 0.36 9.32 -34.20
N SER A 69 0.66 9.22 -35.49
CA SER A 69 1.96 8.78 -35.96
C SER A 69 2.82 9.94 -36.38
N GLY A 70 4.11 9.78 -36.17
CA GLY A 70 5.09 10.67 -36.74
C GLY A 70 5.60 9.98 -37.98
N GLY A 71 5.79 10.72 -39.04
CA GLY A 71 6.38 10.17 -40.23
C GLY A 71 7.86 10.49 -40.28
N VAL A 72 8.64 9.51 -40.71
CA VAL A 72 10.07 9.71 -40.92
C VAL A 72 10.39 9.40 -42.37
N ILE A 73 11.11 10.32 -43.01
CA ILE A 73 11.69 10.06 -44.31
C ILE A 73 13.16 9.71 -44.07
N PRO A 74 13.52 8.44 -44.32
CA PRO A 74 14.91 8.05 -44.15
C PRO A 74 15.72 8.59 -45.32
N PRO A 75 16.98 8.98 -45.07
CA PRO A 75 17.82 9.59 -46.10
C PRO A 75 18.17 8.64 -47.22
N GLY A 76 18.50 9.21 -48.38
CA GLY A 76 19.02 8.42 -49.49
C GLY A 76 18.04 8.23 -50.62
N GLU A 77 18.54 7.65 -51.69
CA GLU A 77 17.73 7.24 -52.81
C GLU A 77 17.20 5.82 -52.57
N ASP A 78 15.91 5.63 -52.84
CA ASP A 78 15.32 4.31 -52.75
C ASP A 78 15.63 3.56 -54.05
N PRO A 79 16.41 2.46 -53.96
CA PRO A 79 16.81 1.67 -55.13
C PRO A 79 15.65 1.18 -56.00
N GLU A 80 14.54 0.78 -55.38
CA GLU A 80 13.30 0.44 -56.10
C GLU A 80 12.76 1.60 -56.92
N LYS A 81 12.88 2.82 -56.40
CA LYS A 81 12.42 4.01 -57.12
C LYS A 81 13.39 4.46 -58.21
N LYS A 82 14.69 4.31 -57.97
CA LYS A 82 15.70 4.55 -59.02
C LYS A 82 15.55 3.55 -60.17
N ALA A 83 15.32 2.30 -59.79
CA ALA A 83 15.18 1.20 -60.75
C ALA A 83 13.90 1.33 -61.56
N LYS A 84 12.85 1.86 -60.92
CA LYS A 84 11.57 2.12 -61.59
C LYS A 84 11.58 3.46 -62.34
N GLY A 85 12.63 4.25 -62.12
CA GLY A 85 12.83 5.54 -62.80
C GLY A 85 11.74 6.53 -62.47
N LEU A 86 11.61 6.85 -61.19
CA LEU A 86 10.44 7.59 -60.71
C LEU A 86 10.51 9.13 -60.74
N ALA A 87 11.69 9.70 -60.47
CA ALA A 87 11.84 11.15 -60.24
C ALA A 87 11.45 11.49 -58.80
N ASP A 88 10.68 10.59 -58.20
CA ASP A 88 10.51 10.51 -56.77
C ASP A 88 11.87 10.13 -56.22
N VAL A 89 12.17 8.84 -56.21
CA VAL A 89 13.51 8.32 -55.86
C VAL A 89 13.84 8.39 -54.34
N GLY A 90 13.29 9.37 -53.64
CA GLY A 90 13.46 9.47 -52.18
C GLY A 90 12.68 8.36 -51.50
N TYR A 91 13.15 7.90 -50.35
CA TYR A 91 12.43 6.88 -49.61
C TYR A 91 11.10 7.44 -49.15
N THR A 92 10.05 6.62 -49.24
CA THR A 92 8.74 7.01 -48.77
C THR A 92 8.71 7.02 -47.23
N VAL A 93 7.91 7.92 -46.69
CA VAL A 93 7.72 8.03 -45.26
C VAL A 93 7.38 6.67 -44.65
N ARG A 94 8.03 6.38 -43.53
CA ARG A 94 7.59 5.35 -42.63
C ARG A 94 6.93 6.02 -41.45
N LEU A 95 5.75 5.52 -41.08
CA LEU A 95 5.02 6.05 -39.92
C LEU A 95 5.45 5.34 -38.64
N TYR A 96 5.53 6.08 -37.54
CA TYR A 96 5.83 5.47 -36.24
C TYR A 96 4.92 6.07 -35.21
N SER A 97 4.24 5.21 -34.47
CA SER A 97 3.26 5.66 -33.48
C SER A 97 3.96 6.63 -32.54
N ILE A 98 3.41 7.71 -32.11
CA ILE A 98 4.16 8.52 -31.16
C ILE A 98 4.03 7.82 -29.81
N ALA A 99 5.10 7.77 -29.02
CA ALA A 99 5.13 7.03 -27.76
C ALA A 99 4.99 7.95 -26.59
N SER A 100 5.30 9.22 -26.81
CA SER A 100 5.29 10.23 -25.76
C SER A 100 3.93 10.90 -25.65
N PRO A 101 3.57 11.35 -24.43
CA PRO A 101 2.31 12.06 -24.23
C PRO A 101 2.30 13.36 -25.04
N SER A 102 1.12 13.83 -25.41
CA SER A 102 1.02 15.00 -26.29
C SER A 102 2.01 16.09 -25.89
N TYR A 103 2.09 16.39 -24.59
CA TYR A 103 2.91 17.51 -24.11
C TYR A 103 4.32 17.10 -23.69
N SER A 104 4.67 15.84 -23.94
CA SER A 104 5.93 15.22 -23.55
C SER A 104 5.88 14.82 -22.09
N PHE A 105 6.74 13.89 -21.71
CA PHE A 105 6.94 13.56 -20.30
C PHE A 105 7.36 14.83 -19.56
N GLY A 106 6.88 14.96 -18.33
CA GLY A 106 7.02 16.19 -17.56
C GLY A 106 6.21 17.34 -18.11
N MET A 107 5.39 17.07 -19.13
CA MET A 107 4.69 18.12 -19.90
C MET A 107 5.62 19.25 -20.31
N LYS A 108 6.82 18.84 -20.73
CA LYS A 108 7.93 19.75 -20.98
C LYS A 108 7.84 20.35 -22.37
N GLU A 109 7.02 19.76 -23.23
CA GLU A 109 6.87 20.17 -24.65
C GLU A 109 8.20 20.38 -25.38
N ASP A 110 9.12 19.45 -25.22
CA ASP A 110 10.45 19.61 -25.77
C ASP A 110 10.77 18.54 -26.80
N ASN A 111 10.01 17.45 -26.76
CA ASN A 111 10.39 16.29 -27.54
C ASN A 111 9.25 15.47 -28.11
N ILE A 112 9.62 14.53 -28.96
CA ILE A 112 8.73 13.47 -29.42
C ILE A 112 9.43 12.10 -29.22
N GLU A 113 8.66 11.06 -28.93
CA GLU A 113 9.28 9.78 -28.70
C GLU A 113 8.68 8.73 -29.60
N PHE A 114 9.54 7.77 -29.95
CA PHE A 114 9.17 6.61 -30.75
C PHE A 114 9.81 5.36 -30.22
N ILE A 115 9.07 4.26 -30.30
CA ILE A 115 9.55 2.92 -29.98
C ILE A 115 9.67 2.17 -31.30
N ILE A 116 10.89 1.94 -31.74
CA ILE A 116 11.14 1.44 -33.09
C ILE A 116 11.93 0.14 -33.06
N LYS A 117 11.30 -0.95 -33.51
CA LYS A 117 12.02 -2.19 -33.76
C LYS A 117 12.83 -2.12 -35.04
N ARG A 118 14.07 -2.60 -34.99
CA ARG A 118 14.77 -3.06 -36.18
C ARG A 118 13.93 -4.06 -36.97
N ASP A 119 13.53 -3.67 -38.18
CA ASP A 119 12.73 -4.54 -39.03
C ASP A 119 13.59 -5.23 -40.08
N ASN A 120 13.97 -6.47 -39.80
CA ASN A 120 14.78 -7.25 -40.72
C ASN A 120 14.14 -8.61 -40.91
N ILE A 121 14.61 -9.36 -41.90
CA ILE A 121 13.96 -10.62 -42.26
C ILE A 121 14.55 -11.88 -41.61
N TYR A 122 15.87 -12.07 -41.73
CA TYR A 122 16.54 -13.28 -41.20
C TYR A 122 16.04 -14.54 -41.89
N ASN A 125 17.67 -20.09 -39.69
CA ASN A 125 19.00 -19.51 -39.86
C ASN A 125 19.32 -18.43 -38.81
N GLY A 126 18.59 -17.31 -38.86
CA GLY A 126 18.72 -16.23 -37.88
C GLY A 126 19.63 -15.09 -38.30
N ASN A 127 20.33 -15.27 -39.41
CA ASN A 127 21.21 -14.21 -39.95
C ASN A 127 20.50 -13.33 -40.98
N ILE A 128 20.84 -12.04 -40.98
CA ILE A 128 20.14 -11.03 -41.80
C ILE A 128 20.05 -11.35 -43.29
N GLN A 129 18.85 -11.24 -43.83
CA GLN A 129 18.55 -11.46 -45.25
C GLN A 129 18.25 -10.11 -45.90
N PHE A 130 17.28 -9.41 -45.32
CA PHE A 130 16.89 -8.08 -45.77
C PHE A 130 16.84 -7.12 -44.58
N LYS A 131 17.36 -5.92 -44.78
CA LYS A 131 17.45 -4.89 -43.75
C LYS A 131 16.40 -3.83 -44.02
N GLY A 132 15.58 -3.54 -43.00
CA GLY A 132 14.61 -2.47 -43.07
C GLY A 132 15.31 -1.12 -43.11
N VAL A 133 14.91 -0.28 -44.04
CA VAL A 133 15.57 1.00 -44.24
C VAL A 133 15.39 1.94 -43.06
N CYS A 134 14.17 2.39 -42.85
CA CYS A 134 13.88 3.42 -41.87
C CYS A 134 14.02 2.99 -40.43
N SER A 135 13.55 1.79 -40.09
CA SER A 135 13.70 1.30 -38.72
C SER A 135 15.16 1.24 -38.31
N ASN A 136 16.01 0.71 -39.19
CA ASN A 136 17.45 0.63 -38.92
C ASN A 136 18.13 2.00 -38.91
N TYR A 137 17.78 2.85 -39.87
CA TYR A 137 18.24 4.24 -39.87
C TYR A 137 17.89 4.89 -38.52
N MET A 138 16.67 4.68 -38.06
CA MET A 138 16.19 5.28 -36.83
C MET A 138 16.91 4.73 -35.60
N CYS A 139 17.12 3.40 -35.57
CA CYS A 139 17.82 2.75 -34.49
C CYS A 139 19.32 3.00 -34.52
N ASP A 140 19.80 3.53 -35.65
CA ASP A 140 21.21 3.86 -35.82
C ASP A 140 21.51 5.30 -35.50
N LEU A 141 20.46 6.06 -35.17
CA LEU A 141 20.57 7.48 -34.87
C LEU A 141 21.46 7.74 -33.68
N LYS A 142 22.30 8.77 -33.82
CA LYS A 142 23.21 9.23 -32.78
C LYS A 142 22.67 10.55 -32.26
N PRO A 143 22.88 10.86 -30.97
CA PRO A 143 22.51 12.18 -30.45
C PRO A 143 22.95 13.32 -31.37
N GLY A 144 22.05 14.26 -31.60
CA GLY A 144 22.35 15.42 -32.42
C GLY A 144 22.14 15.22 -33.92
N ASP A 145 21.76 14.00 -34.32
CA ASP A 145 21.42 13.73 -35.71
C ASP A 145 20.10 14.40 -36.00
N GLU A 146 19.87 14.68 -37.28
CA GLU A 146 18.67 15.33 -37.71
C GLU A 146 17.78 14.34 -38.44
N VAL A 147 16.52 14.28 -38.01
CA VAL A 147 15.52 13.42 -38.60
C VAL A 147 14.55 14.26 -39.44
N THR A 148 14.37 13.84 -40.68
CA THR A 148 13.37 14.40 -41.58
C THR A 148 11.99 13.83 -41.22
N MET A 149 11.14 14.68 -40.68
CA MET A 149 9.87 14.24 -40.14
C MET A 149 8.69 14.79 -40.92
N THR A 150 7.63 14.00 -40.89
CA THR A 150 6.42 14.23 -41.64
C THR A 150 5.26 14.18 -40.64
N GLY A 151 4.11 14.71 -41.05
CA GLY A 151 2.90 14.58 -40.26
C GLY A 151 2.56 15.83 -39.48
N PRO A 152 1.93 15.68 -38.30
CA PRO A 152 1.44 14.42 -37.71
C PRO A 152 0.47 13.66 -38.60
N SER A 153 0.21 12.41 -38.26
CA SER A 153 -0.60 11.56 -39.12
C SER A 153 -1.63 10.80 -38.29
N GLY A 154 -2.85 10.71 -38.78
CA GLY A 154 -3.91 9.97 -38.12
C GLY A 154 -4.69 10.82 -37.16
N LYS A 155 -6.00 10.62 -37.14
CA LYS A 155 -6.89 11.42 -36.29
C LYS A 155 -8.04 10.55 -35.78
N LYS A 156 -7.81 9.25 -35.79
CA LYS A 156 -8.82 8.30 -35.32
C LYS A 156 -8.41 7.74 -33.97
N PHE A 157 -7.21 7.14 -33.95
CA PHE A 157 -6.61 6.51 -32.79
C PHE A 157 -6.26 7.53 -31.72
N LEU A 158 -7.26 8.13 -31.10
CA LEU A 158 -6.99 9.18 -30.12
C LEU A 158 -7.68 8.91 -28.80
N LEU A 159 -7.13 9.48 -27.73
CA LEU A 159 -7.75 9.46 -26.43
C LEU A 159 -9.01 10.32 -26.41
N PRO A 160 -9.93 10.07 -25.46
CA PRO A 160 -11.07 11.00 -25.37
C PRO A 160 -10.56 12.42 -25.12
N ASN A 161 -11.24 13.42 -25.69
CA ASN A 161 -10.84 14.81 -25.53
C ASN A 161 -11.68 15.55 -24.46
N THR A 162 -12.69 14.86 -23.95
CA THR A 162 -13.49 15.36 -22.83
C THR A 162 -13.43 14.31 -21.72
N ASP A 163 -13.79 14.72 -20.50
CA ASP A 163 -13.86 13.81 -19.36
C ASP A 163 -14.46 12.45 -19.72
N PHE A 164 -13.84 11.41 -19.19
CA PHE A 164 -14.17 10.04 -19.55
C PHE A 164 -14.24 9.10 -18.33
N SER A 165 -15.39 8.48 -18.13
CA SER A 165 -15.59 7.58 -16.99
C SER A 165 -15.50 6.12 -17.41
N GLY A 166 -15.39 5.91 -18.73
CA GLY A 166 -15.37 4.59 -19.29
C GLY A 166 -14.02 3.91 -19.12
N ASP A 167 -14.07 2.59 -19.09
CA ASP A 167 -12.85 1.81 -18.98
C ASP A 167 -12.16 1.78 -20.31
N ILE A 168 -10.85 1.69 -20.26
CA ILE A 168 -10.06 1.74 -21.46
C ILE A 168 -9.16 0.52 -21.44
N MET A 169 -9.20 -0.26 -22.52
CA MET A 169 -8.26 -1.35 -22.68
C MET A 169 -7.28 -1.05 -23.82
N PHE A 170 -6.01 -1.03 -23.46
CA PHE A 170 -4.94 -0.86 -24.43
C PHE A 170 -4.41 -2.22 -24.81
N LEU A 171 -4.46 -2.53 -26.10
CA LEU A 171 -4.04 -3.85 -26.57
C LEU A 171 -2.87 -3.70 -27.51
N ALA A 172 -1.71 -4.13 -27.06
CA ALA A 172 -0.46 -3.86 -27.73
C ALA A 172 0.30 -5.13 -28.09
N THR A 173 0.83 -5.17 -29.30
CA THR A 173 1.88 -6.14 -29.59
C THR A 173 3.16 -5.40 -29.98
N GLY A 174 4.25 -5.80 -29.34
CA GLY A 174 5.56 -5.24 -29.58
C GLY A 174 5.57 -3.72 -29.52
N THR A 175 6.07 -3.10 -30.58
CA THR A 175 6.19 -1.66 -30.67
C THR A 175 4.81 -0.98 -30.58
N GLY A 176 3.75 -1.75 -30.77
CA GLY A 176 2.39 -1.29 -30.59
C GLY A 176 2.12 -0.77 -29.19
N ILE A 177 3.04 -1.02 -28.27
CA ILE A 177 3.02 -0.43 -26.93
C ILE A 177 3.14 1.08 -27.01
N ALA A 178 3.79 1.55 -28.08
CA ALA A 178 4.16 2.95 -28.25
C ALA A 178 3.04 3.94 -27.86
N PRO A 179 1.87 3.90 -28.53
CA PRO A 179 0.89 4.93 -28.20
C PRO A 179 0.47 4.86 -26.75
N PHE A 180 0.49 3.66 -26.18
CA PHE A 180 -0.03 3.43 -24.85
C PHE A 180 0.92 3.85 -23.75
N ILE A 181 2.19 4.06 -24.10
CA ILE A 181 3.13 4.70 -23.19
C ILE A 181 2.66 6.12 -22.93
N GLY A 182 2.55 6.92 -23.97
CA GLY A 182 2.06 8.30 -23.88
C GLY A 182 0.64 8.41 -23.39
N MET A 183 -0.23 7.53 -23.88
CA MET A 183 -1.64 7.53 -23.49
C MET A 183 -1.83 7.30 -22.01
N SER A 184 -1.08 6.33 -21.47
CA SER A 184 -1.14 6.01 -20.05
C SER A 184 -0.60 7.14 -19.17
N GLU A 185 0.59 7.66 -19.52
CA GLU A 185 1.15 8.85 -18.87
C GLU A 185 0.17 10.01 -18.85
N GLU A 186 -0.45 10.27 -20.00
CA GLU A 186 -1.40 11.36 -20.15
C GLU A 186 -2.64 11.17 -19.30
N LEU A 187 -3.23 9.98 -19.38
CA LEU A 187 -4.45 9.70 -18.63
C LEU A 187 -4.25 9.69 -17.12
N LEU A 188 -3.11 9.16 -16.67
CA LEU A 188 -2.82 9.03 -15.25
C LEU A 188 -2.20 10.25 -14.63
N GLU A 189 -1.40 10.98 -15.42
CA GLU A 189 -0.57 12.05 -14.87
C GLU A 189 -0.98 13.45 -15.30
N HIS A 190 -1.17 13.61 -16.60
CA HIS A 190 -1.33 14.93 -17.22
C HIS A 190 -2.73 15.50 -17.01
N LYS A 191 -3.71 14.60 -16.97
CA LYS A 191 -5.09 14.94 -16.67
C LYS A 191 -5.58 16.12 -17.52
N LEU A 192 -5.45 15.94 -18.84
CA LEU A 192 -6.00 16.83 -19.85
C LEU A 192 -7.51 16.71 -19.86
N ILE A 193 -7.97 15.52 -19.48
CA ILE A 193 -9.35 15.21 -19.28
C ILE A 193 -9.42 14.59 -17.89
N LYS A 194 -10.60 14.57 -17.27
CA LYS A 194 -10.78 13.78 -16.06
C LYS A 194 -11.06 12.33 -16.44
N PHE A 195 -10.11 11.47 -16.14
CA PHE A 195 -10.25 10.04 -16.42
C PHE A 195 -10.56 9.27 -15.13
N THR A 196 -11.77 8.75 -15.06
CA THR A 196 -12.24 8.06 -13.86
C THR A 196 -12.55 6.59 -14.17
N GLY A 197 -12.10 6.13 -15.34
CA GLY A 197 -12.20 4.72 -15.71
C GLY A 197 -10.99 3.92 -15.29
N ASN A 198 -11.01 2.62 -15.60
CA ASN A 198 -9.85 1.76 -15.40
C ASN A 198 -9.11 1.49 -16.71
N ILE A 199 -7.79 1.58 -16.67
CA ILE A 199 -6.97 1.18 -17.80
C ILE A 199 -6.50 -0.25 -17.60
N THR A 200 -6.72 -1.08 -18.62
CA THR A 200 -6.07 -2.38 -18.68
C THR A 200 -5.18 -2.36 -19.90
N LEU A 201 -3.87 -2.42 -19.67
CA LEU A 201 -2.93 -2.55 -20.77
C LEU A 201 -2.55 -4.01 -20.95
N VAL A 202 -2.90 -4.55 -22.11
CA VAL A 202 -2.55 -5.90 -22.47
C VAL A 202 -1.44 -5.84 -23.53
N TYR A 203 -0.27 -6.28 -23.12
CA TYR A 203 0.93 -6.06 -23.90
C TYR A 203 1.56 -7.39 -24.29
N GLY A 204 1.64 -7.63 -25.59
CA GLY A 204 2.13 -8.90 -26.11
C GLY A 204 3.48 -8.73 -26.73
N ALA A 205 4.37 -9.66 -26.43
CA ALA A 205 5.68 -9.72 -27.06
C ALA A 205 6.13 -11.17 -26.97
N PRO A 206 7.02 -11.60 -27.88
CA PRO A 206 7.43 -13.00 -27.93
C PRO A 206 8.24 -13.46 -26.72
N TYR A 207 9.13 -12.60 -26.24
CA TYR A 207 9.93 -12.88 -25.05
C TYR A 207 9.80 -11.75 -24.03
N SER A 208 9.97 -12.10 -22.75
CA SER A 208 9.80 -11.15 -21.65
C SER A 208 10.73 -9.96 -21.77
N ASP A 209 11.92 -10.17 -22.33
CA ASP A 209 12.93 -9.12 -22.49
C ASP A 209 12.72 -8.32 -23.77
N GLU A 210 11.73 -8.72 -24.56
CA GLU A 210 11.33 -7.98 -25.74
C GLU A 210 10.15 -7.05 -25.48
N LEU A 211 9.55 -7.19 -24.30
CA LEU A 211 8.64 -6.19 -23.73
C LEU A 211 9.50 -5.02 -23.29
N VAL A 212 9.07 -3.81 -23.62
CA VAL A 212 9.87 -2.64 -23.30
C VAL A 212 9.08 -1.72 -22.37
N MET A 213 9.80 -0.82 -21.70
CA MET A 213 9.21 0.18 -20.81
C MET A 213 8.52 -0.46 -19.61
N MET A 214 9.02 -1.62 -19.21
CA MET A 214 8.33 -2.46 -18.22
C MET A 214 8.46 -1.89 -16.83
N ASP A 215 9.66 -1.43 -16.49
CA ASP A 215 9.85 -0.70 -15.25
C ASP A 215 8.85 0.44 -15.15
N TYR A 216 8.73 1.19 -16.24
CA TYR A 216 7.77 2.27 -16.32
C TYR A 216 6.30 1.78 -16.24
N LEU A 217 5.96 0.74 -16.98
CA LEU A 217 4.58 0.20 -17.01
C LEU A 217 4.12 -0.42 -15.69
N LYS A 218 4.98 -1.27 -15.11
CA LYS A 218 4.74 -1.84 -13.79
C LYS A 218 4.66 -0.73 -12.74
N GLY A 219 5.47 0.32 -12.92
CA GLY A 219 5.48 1.48 -12.03
C GLY A 219 4.17 2.23 -12.05
N LEU A 220 3.59 2.39 -13.23
CA LEU A 220 2.28 2.97 -13.40
C LEU A 220 1.22 2.16 -12.68
N GLU A 221 1.33 0.83 -12.77
CA GLU A 221 0.41 -0.10 -12.12
C GLU A 221 0.46 0.00 -10.60
N SER A 222 1.66 0.01 -10.03
CA SER A 222 1.83 0.11 -8.59
C SER A 222 1.51 1.51 -8.04
N LYS A 223 1.59 2.53 -8.88
CA LYS A 223 1.30 3.89 -8.44
C LYS A 223 -0.19 4.23 -8.48
N HIS A 224 -0.97 3.47 -9.24
CA HIS A 224 -2.33 3.91 -9.58
C HIS A 224 -3.55 3.13 -9.08
N LYS A 225 -3.66 1.85 -9.39
CA LYS A 225 -4.85 1.06 -8.99
C LYS A 225 -5.89 1.20 -10.09
N ASN A 226 -5.82 2.37 -10.74
CA ASN A 226 -6.50 2.71 -11.96
C ASN A 226 -5.96 1.95 -13.18
N PHE A 227 -4.77 1.38 -13.04
CA PHE A 227 -4.01 0.87 -14.19
C PHE A 227 -3.55 -0.56 -13.98
N LYS A 228 -4.02 -1.47 -14.84
CA LYS A 228 -3.58 -2.86 -14.77
C LYS A 228 -2.73 -3.22 -15.98
N LEU A 229 -1.55 -3.77 -15.70
CA LEU A 229 -0.66 -4.24 -16.75
C LEU A 229 -0.75 -5.76 -16.86
N ILE A 230 -1.10 -6.23 -18.05
CA ILE A 230 -1.09 -7.65 -18.35
C ILE A 230 -0.20 -7.86 -19.53
N THR A 231 0.66 -8.87 -19.44
CA THR A 231 1.55 -9.21 -20.53
C THR A 231 1.23 -10.60 -21.05
N ALA A 232 1.45 -10.78 -22.34
CA ALA A 232 1.28 -12.06 -22.98
C ALA A 232 2.59 -12.34 -23.67
N ILE A 233 3.34 -13.31 -23.17
CA ILE A 233 4.64 -13.62 -23.73
C ILE A 233 4.52 -14.91 -24.54
N SER A 234 4.41 -14.76 -25.86
CA SER A 234 4.02 -15.86 -26.75
C SER A 234 4.97 -17.06 -26.85
N ARG A 235 6.22 -16.87 -26.51
CA ARG A 235 7.19 -17.95 -26.63
C ARG A 235 7.65 -18.48 -25.26
N GLU A 236 7.04 -17.93 -24.19
CA GLU A 236 7.36 -18.34 -22.82
C GLU A 236 6.13 -18.71 -22.00
N GLU A 237 4.96 -18.34 -22.51
CA GLU A 237 3.72 -18.63 -21.82
C GLU A 237 2.79 -19.39 -22.75
N LYS A 238 2.16 -20.43 -22.21
CA LYS A 238 1.05 -21.09 -22.89
C LYS A 238 -0.26 -20.61 -22.28
N ASN A 239 -1.26 -20.39 -23.13
CA ASN A 239 -2.59 -20.02 -22.67
C ASN A 239 -3.34 -21.20 -22.03
N SER A 240 -4.23 -20.89 -21.08
CA SER A 240 -4.96 -21.91 -20.32
C SER A 240 -6.07 -22.60 -21.13
N PHE A 241 -6.47 -22.00 -22.24
CA PHE A 241 -7.64 -22.45 -23.02
C PHE A 241 -7.32 -23.59 -23.98
N ASP A 242 -6.27 -23.43 -24.77
CA ASP A 242 -5.84 -24.48 -25.67
C ASP A 242 -4.36 -24.89 -25.54
N GLY A 243 -3.64 -24.29 -24.60
CA GLY A 243 -2.25 -24.63 -24.35
C GLY A 243 -1.31 -24.10 -25.43
N GLY A 244 -1.86 -23.35 -26.37
CA GLY A 244 -1.08 -22.70 -27.41
C GLY A 244 -0.30 -21.53 -26.84
N ARG A 245 0.42 -20.84 -27.71
CA ARG A 245 1.18 -19.66 -27.32
C ARG A 245 0.25 -18.62 -26.70
N MET A 246 0.76 -17.90 -25.71
CA MET A 246 -0.01 -16.84 -25.09
C MET A 246 0.03 -15.60 -25.97
N TYR A 247 -1.14 -15.17 -26.44
CA TYR A 247 -1.24 -13.90 -27.15
C TYR A 247 -2.19 -13.01 -26.39
N ILE A 248 -2.16 -11.71 -26.70
CA ILE A 248 -3.03 -10.74 -26.06
C ILE A 248 -4.51 -11.12 -26.14
N SER A 249 -4.87 -11.87 -27.18
CA SER A 249 -6.24 -12.35 -27.37
C SER A 249 -6.66 -13.34 -26.27
N HIS A 250 -5.70 -14.12 -25.78
CA HIS A 250 -5.95 -15.05 -24.68
C HIS A 250 -6.08 -14.28 -23.35
N ARG A 251 -5.28 -13.23 -23.19
CA ARG A 251 -5.39 -12.32 -22.06
C ARG A 251 -6.73 -11.58 -22.08
N VAL A 252 -7.13 -11.11 -23.27
CA VAL A 252 -8.46 -10.51 -23.47
C VAL A 252 -9.58 -11.45 -22.99
N ARG A 253 -9.47 -12.73 -23.33
CA ARG A 253 -10.42 -13.73 -22.88
C ARG A 253 -10.38 -13.91 -21.35
N GLU A 254 -9.18 -13.91 -20.79
CA GLU A 254 -8.99 -14.01 -19.34
C GLU A 254 -9.61 -12.83 -18.62
N GLN A 255 -9.64 -11.70 -19.33
CA GLN A 255 -10.13 -10.43 -18.83
C GLN A 255 -11.54 -10.14 -19.34
N ALA A 256 -12.36 -11.20 -19.40
CA ALA A 256 -13.70 -11.13 -19.97
C ALA A 256 -14.57 -10.11 -19.26
N GLU A 257 -14.45 -10.05 -17.94
CA GLU A 257 -15.26 -9.13 -17.13
C GLU A 257 -14.88 -7.67 -17.36
N ALA A 258 -13.58 -7.40 -17.48
CA ALA A 258 -13.08 -6.06 -17.83
C ALA A 258 -13.49 -5.67 -19.24
N VAL A 259 -13.42 -6.63 -20.16
CA VAL A 259 -13.86 -6.45 -21.53
C VAL A 259 -15.36 -6.12 -21.56
N LYS A 260 -16.14 -6.87 -20.77
CA LYS A 260 -17.58 -6.63 -20.60
C LYS A 260 -17.89 -5.28 -19.94
N LYS A 261 -17.05 -4.84 -19.00
CA LYS A 261 -17.20 -3.50 -18.43
C LYS A 261 -17.06 -2.43 -19.49
N ILE A 262 -16.16 -2.68 -20.44
CA ILE A 262 -15.92 -1.77 -21.56
C ILE A 262 -17.07 -1.84 -22.58
N LEU A 263 -17.45 -3.05 -22.97
CA LEU A 263 -18.54 -3.26 -23.90
C LEU A 263 -19.83 -2.62 -23.45
N ASN A 264 -20.11 -2.73 -22.15
CA ASN A 264 -21.40 -2.30 -21.57
C ASN A 264 -21.36 -0.92 -20.97
N GLY A 265 -20.16 -0.45 -20.63
CA GLY A 265 -20.00 0.81 -19.91
C GLY A 265 -19.39 1.97 -20.69
N GLY A 266 -19.41 1.88 -22.01
CA GLY A 266 -18.99 2.99 -22.88
C GLY A 266 -17.49 3.22 -22.92
N GLY A 267 -16.72 2.20 -22.54
CA GLY A 267 -15.28 2.31 -22.56
C GLY A 267 -14.73 2.07 -23.95
N ARG A 268 -13.41 2.04 -24.07
CA ARG A 268 -12.75 1.89 -25.36
C ARG A 268 -11.69 0.79 -25.36
N PHE A 269 -11.60 0.08 -26.49
CA PHE A 269 -10.47 -0.79 -26.80
C PHE A 269 -9.57 -0.08 -27.79
N TYR A 270 -8.27 -0.01 -27.50
CA TYR A 270 -7.27 0.44 -28.47
C TYR A 270 -6.36 -0.71 -28.79
N ILE A 271 -6.22 -1.03 -30.07
CA ILE A 271 -5.38 -2.13 -30.50
C ILE A 271 -4.31 -1.59 -31.43
N CYS A 272 -3.06 -1.76 -31.04
CA CYS A 272 -1.96 -1.26 -31.82
C CYS A 272 -0.85 -2.31 -31.86
N GLY A 273 -0.24 -2.47 -33.03
CA GLY A 273 0.89 -3.36 -33.19
C GLY A 273 0.88 -4.20 -34.43
N GLY A 274 1.58 -5.33 -34.38
CA GLY A 274 1.68 -6.20 -35.52
C GLY A 274 1.35 -7.64 -35.19
N PRO A 275 1.24 -8.47 -36.24
CA PRO A 275 1.38 -8.01 -37.63
C PRO A 275 0.11 -7.28 -38.09
N LYS A 276 0.12 -6.74 -39.31
CA LYS A 276 -1.06 -6.10 -39.86
C LYS A 276 -2.27 -7.04 -39.79
N GLY A 277 -3.40 -6.52 -39.29
CA GLY A 277 -4.62 -7.30 -39.16
C GLY A 277 -4.66 -8.20 -37.93
N MET A 278 -3.80 -7.94 -36.96
CA MET A 278 -3.76 -8.73 -35.72
C MET A 278 -4.91 -8.37 -34.79
N GLU A 279 -5.56 -7.25 -35.08
CA GLU A 279 -6.69 -6.78 -34.31
C GLU A 279 -7.86 -7.73 -34.47
N LYS A 280 -7.87 -8.48 -35.56
CA LYS A 280 -8.97 -9.39 -35.89
C LYS A 280 -9.14 -10.42 -34.80
N GLY A 281 -8.03 -11.08 -34.45
CA GLY A 281 -8.02 -12.10 -33.40
C GLY A 281 -8.44 -11.54 -32.06
N VAL A 282 -8.01 -10.32 -31.79
CA VAL A 282 -8.38 -9.59 -30.57
C VAL A 282 -9.85 -9.20 -30.55
N ILE A 283 -10.33 -8.60 -31.64
CA ILE A 283 -11.72 -8.18 -31.75
C ILE A 283 -12.65 -9.40 -31.69
N GLU A 284 -12.30 -10.48 -32.40
CA GLU A 284 -13.19 -11.64 -32.42
C GLU A 284 -13.26 -12.35 -31.07
N GLU A 285 -12.22 -12.12 -30.25
CA GLU A 285 -12.18 -12.55 -28.87
C GLU A 285 -13.06 -11.65 -27.99
N ILE A 286 -13.01 -10.35 -28.26
CA ILE A 286 -13.92 -9.40 -27.62
C ILE A 286 -15.38 -9.71 -28.03
N GLN A 287 -15.55 -10.19 -29.26
CA GLN A 287 -16.86 -10.56 -29.79
C GLN A 287 -17.42 -11.82 -29.12
N LYS A 288 -16.59 -12.86 -28.99
CA LYS A 288 -16.94 -14.05 -28.20
C LYS A 288 -17.41 -13.64 -26.80
N ILE A 289 -16.67 -12.73 -26.16
CA ILE A 289 -17.02 -12.22 -24.83
C ILE A 289 -18.38 -11.50 -24.81
N SER A 290 -18.62 -10.66 -25.81
CA SER A 290 -19.90 -9.92 -25.91
C SER A 290 -21.09 -10.84 -26.19
N GLY A 291 -20.83 -12.01 -26.75
CA GLY A 291 -21.88 -12.97 -27.13
C GLY A 291 -22.54 -12.63 -28.47
N ASN A 292 -22.03 -11.61 -29.16
CA ASN A 292 -22.44 -11.22 -30.51
C ASN A 292 -21.99 -12.29 -31.49
N THR A 293 -22.89 -12.68 -32.40
CA THR A 293 -22.60 -13.72 -33.38
C THR A 293 -22.74 -13.20 -34.82
N GLY A 294 -22.60 -11.88 -34.99
CA GLY A 294 -22.57 -11.29 -36.32
C GLY A 294 -21.21 -11.44 -36.95
N THR A 295 -21.07 -10.95 -38.18
CA THR A 295 -19.80 -11.00 -38.89
C THR A 295 -18.78 -10.13 -38.18
N TYR A 296 -17.51 -10.49 -38.35
CA TYR A 296 -16.40 -9.73 -37.79
C TYR A 296 -16.52 -8.25 -38.18
N GLU A 297 -16.84 -8.03 -39.43
CA GLU A 297 -16.96 -6.69 -39.96
C GLU A 297 -18.15 -5.90 -39.35
N GLU A 298 -19.29 -6.57 -39.13
CA GLU A 298 -20.42 -5.99 -38.40
C GLU A 298 -20.06 -5.59 -36.95
N PHE A 299 -19.33 -6.45 -36.25
CA PHE A 299 -19.00 -6.19 -34.84
C PHE A 299 -17.96 -5.08 -34.68
N LYS A 300 -16.92 -5.13 -35.51
CA LYS A 300 -15.84 -4.16 -35.47
C LYS A 300 -16.34 -2.76 -35.83
N HIS A 301 -17.12 -2.66 -36.91
CA HIS A 301 -17.66 -1.39 -37.35
C HIS A 301 -18.63 -0.79 -36.35
N HIS A 302 -19.46 -1.66 -35.78
CA HIS A 302 -20.30 -1.31 -34.66
C HIS A 302 -19.50 -0.72 -33.50
N LEU A 303 -18.42 -1.38 -33.11
CA LEU A 303 -17.58 -0.89 -32.05
C LEU A 303 -16.89 0.44 -32.39
N GLU A 304 -16.43 0.57 -33.62
CA GLU A 304 -15.77 1.78 -34.10
C GLU A 304 -16.77 2.93 -34.22
N GLY A 305 -17.96 2.60 -34.73
CA GLY A 305 -19.09 3.52 -34.79
C GLY A 305 -19.43 4.04 -33.40
N ALA A 306 -19.41 3.12 -32.42
CA ALA A 306 -19.65 3.46 -31.01
C ALA A 306 -18.49 4.17 -30.31
N HIS A 307 -17.41 4.44 -31.02
CA HIS A 307 -16.18 5.02 -30.46
C HIS A 307 -15.59 4.13 -29.38
N GLN A 308 -15.64 2.83 -29.60
CA GLN A 308 -15.26 1.90 -28.55
C GLN A 308 -14.14 1.02 -29.03
N LEU A 309 -13.71 1.27 -30.26
CA LEU A 309 -12.62 0.54 -30.88
C LEU A 309 -11.81 1.40 -31.81
N PHE A 310 -10.50 1.35 -31.59
CA PHE A 310 -9.53 2.14 -32.30
C PHE A 310 -8.41 1.18 -32.59
N VAL A 311 -8.06 1.09 -33.87
CA VAL A 311 -7.10 0.11 -34.30
C VAL A 311 -6.00 0.79 -35.09
N GLU A 312 -4.77 0.46 -34.74
CA GLU A 312 -3.64 0.84 -35.55
C GLU A 312 -2.69 -0.32 -35.61
N THR A 313 -2.94 -1.22 -36.54
CA THR A 313 -2.04 -2.35 -36.73
C THR A 313 -1.21 -2.20 -38.00
N TYR A 314 -0.05 -2.84 -38.00
CA TYR A 314 0.92 -2.70 -39.05
C TYR A 314 1.91 -3.86 -38.93
N THR B 8 51.15 -6.84 9.02
CA THR B 8 50.15 -7.92 8.75
C THR B 8 48.80 -7.29 8.43
N ARG B 9 48.04 -7.93 7.55
CA ARG B 9 46.87 -7.24 6.99
C ARG B 9 45.55 -8.02 7.05
N GLU B 10 45.60 -9.29 7.43
CA GLU B 10 44.48 -10.24 7.25
C GLU B 10 43.10 -9.77 7.70
N PRO B 11 42.13 -9.78 6.78
CA PRO B 11 40.74 -9.45 7.09
C PRO B 11 40.13 -10.49 8.02
N GLN B 12 39.43 -10.00 9.04
CA GLN B 12 38.71 -10.87 9.95
C GLN B 12 37.22 -10.66 9.75
N ILE B 13 36.47 -11.75 9.80
CA ILE B 13 35.02 -11.69 9.61
C ILE B 13 34.31 -12.32 10.80
N ASN B 14 33.10 -11.84 11.07
CA ASN B 14 32.18 -12.48 12.01
C ASN B 14 32.72 -12.64 13.42
N LEU B 15 33.61 -11.74 13.81
CA LEU B 15 34.09 -11.62 15.17
C LEU B 15 32.91 -11.28 16.07
N PHE B 16 31.98 -10.52 15.51
CA PHE B 16 30.75 -10.17 16.18
C PHE B 16 29.58 -10.65 15.33
N LYS B 17 28.69 -11.39 15.99
CA LYS B 17 27.50 -11.92 15.36
C LYS B 17 26.34 -11.39 16.19
N LYS B 18 25.12 -11.80 15.88
CA LYS B 18 23.97 -11.19 16.55
C LYS B 18 23.84 -11.61 18.01
N SER B 19 24.51 -12.71 18.37
CA SER B 19 24.53 -13.26 19.74
C SER B 19 25.64 -12.64 20.59
N ASN B 20 26.67 -12.14 19.91
CA ASN B 20 27.78 -11.44 20.55
C ASN B 20 28.08 -10.16 19.78
N PRO B 21 27.14 -9.21 19.81
CA PRO B 21 27.33 -8.06 18.95
C PRO B 21 28.39 -7.11 19.52
N TYR B 22 28.82 -6.18 18.69
CA TYR B 22 29.73 -5.14 19.13
C TYR B 22 28.94 -3.84 19.37
N LYS B 23 29.25 -3.16 20.48
CA LYS B 23 28.59 -1.92 20.82
C LYS B 23 29.50 -0.73 20.57
N ALA B 24 29.16 0.04 19.54
CA ALA B 24 29.87 1.24 19.14
C ALA B 24 29.04 2.45 19.50
N LYS B 25 29.69 3.52 19.93
CA LYS B 25 28.97 4.75 20.24
C LYS B 25 29.03 5.70 19.07
N VAL B 26 27.93 6.39 18.85
CA VAL B 26 27.88 7.42 17.83
C VAL B 26 28.74 8.61 18.24
N ILE B 27 29.73 8.91 17.42
CA ILE B 27 30.43 10.17 17.51
C ILE B 27 29.64 11.23 16.75
N SER B 28 29.39 10.98 15.48
CA SER B 28 28.63 11.93 14.67
C SER B 28 27.76 11.24 13.64
N ASN B 29 26.78 11.99 13.17
CA ASN B 29 25.85 11.53 12.17
C ASN B 29 25.35 12.78 11.48
N VAL B 30 26.03 13.16 10.42
CA VAL B 30 25.71 14.41 9.76
C VAL B 30 25.18 14.14 8.37
N LEU B 31 24.10 14.84 8.03
CA LEU B 31 23.55 14.81 6.72
C LEU B 31 24.53 15.46 5.74
N LEU B 32 24.83 14.74 4.68
CA LEU B 32 25.78 15.15 3.66
C LEU B 32 25.10 15.79 2.45
N THR B 33 23.86 15.38 2.21
CA THR B 33 23.10 15.85 1.06
C THR B 33 22.13 16.98 1.49
N PRO B 34 21.63 17.77 0.52
CA PRO B 34 20.73 18.85 0.93
C PRO B 34 19.53 18.34 1.71
N GLU B 35 19.11 19.12 2.70
CA GLU B 35 17.87 18.84 3.41
C GLU B 35 16.68 18.81 2.46
N THR B 36 15.74 17.92 2.75
CA THR B 36 14.55 17.70 1.93
C THR B 36 13.91 19.01 1.38
N GLY B 37 13.62 18.99 0.07
CA GLY B 37 13.01 20.14 -0.61
C GLY B 37 14.03 21.17 -1.08
N THR B 38 15.20 21.14 -0.43
CA THR B 38 16.36 21.92 -0.83
C THR B 38 17.11 21.01 -1.76
N GLY B 39 17.99 21.57 -2.57
CA GLY B 39 18.77 20.73 -3.46
C GLY B 39 18.01 20.38 -4.70
N LYS B 40 18.64 19.60 -5.57
CA LYS B 40 18.17 19.48 -6.94
C LYS B 40 16.98 18.55 -7.11
N ARG B 41 16.95 17.47 -6.33
CA ARG B 41 15.91 16.46 -6.45
C ARG B 41 14.54 17.05 -6.11
N PRO B 42 13.57 16.81 -6.99
CA PRO B 42 12.21 17.32 -6.79
C PRO B 42 11.39 16.41 -5.87
N LYS B 43 10.21 16.88 -5.48
CA LYS B 43 9.81 16.83 -4.08
C LYS B 43 9.07 15.50 -4.12
N LYS B 44 8.02 15.44 -4.93
CA LYS B 44 7.90 14.41 -5.96
C LYS B 44 9.28 13.95 -6.42
N GLU B 45 9.44 12.63 -6.56
CA GLU B 45 10.74 12.04 -6.86
C GLU B 45 11.47 11.64 -5.58
N GLY B 46 10.82 11.85 -4.44
CA GLY B 46 11.24 11.24 -3.20
C GLY B 46 12.30 12.06 -2.49
N GLU B 47 12.77 11.55 -1.35
CA GLU B 47 13.87 12.17 -0.63
C GLU B 47 15.20 11.50 -0.95
N ALA B 48 16.27 12.28 -0.98
CA ALA B 48 17.64 11.73 -0.95
C ALA B 48 18.62 12.11 0.13
N LEU B 49 18.58 11.41 1.23
CA LEU B 49 19.21 11.85 2.44
C LEU B 49 20.31 10.96 2.86
N VAL B 50 21.51 11.43 2.67
CA VAL B 50 22.67 10.61 2.95
C VAL B 50 23.48 11.17 4.10
N HIS B 51 23.75 10.28 5.08
CA HIS B 51 24.44 10.63 6.30
C HIS B 51 25.82 9.97 6.36
N ARG B 52 26.79 10.74 6.87
CA ARG B 52 28.07 10.20 7.28
C ARG B 52 27.94 9.92 8.75
N ILE B 53 28.09 8.67 9.12
CA ILE B 53 27.94 8.23 10.48
C ILE B 53 29.27 7.74 10.98
N VAL B 54 29.80 8.43 11.99
CA VAL B 54 31.07 8.10 12.61
C VAL B 54 30.78 7.47 13.97
N LEU B 55 31.24 6.25 14.15
CA LEU B 55 31.07 5.54 15.42
C LEU B 55 32.42 5.31 16.07
N ALA B 56 32.51 5.59 17.36
CA ALA B 56 33.70 5.30 18.14
C ALA B 56 33.76 3.81 18.38
N ILE B 57 34.88 3.21 18.02
CA ILE B 57 35.11 1.79 18.21
C ILE B 57 36.45 1.53 18.87
N ASP B 58 36.70 0.26 19.12
CA ASP B 58 38.00 -0.23 19.58
C ASP B 58 38.50 -1.10 18.45
N HIS B 59 39.54 -0.62 17.76
CA HIS B 59 40.07 -1.29 16.58
C HIS B 59 40.69 -2.66 16.89
N SER B 60 41.00 -2.90 18.16
CA SER B 60 41.43 -4.20 18.64
C SER B 60 40.24 -5.18 18.74
N ALA B 61 39.08 -4.66 19.15
CA ALA B 61 37.85 -5.43 19.14
C ALA B 61 37.28 -5.55 17.74
N TYR B 62 37.48 -4.51 16.94
CA TYR B 62 36.91 -4.47 15.59
C TYR B 62 37.97 -4.14 14.56
N PRO B 63 38.87 -5.08 14.30
CA PRO B 63 40.00 -4.84 13.43
C PRO B 63 39.60 -4.99 11.97
N TYR B 64 38.66 -4.15 11.55
CA TYR B 64 38.13 -4.20 10.20
C TYR B 64 39.20 -3.80 9.19
N VAL B 65 38.96 -4.20 7.95
CA VAL B 65 39.83 -3.89 6.84
C VAL B 65 38.91 -3.17 5.87
N ILE B 66 39.46 -2.24 5.09
CA ILE B 66 38.64 -1.49 4.13
C ILE B 66 38.15 -2.40 3.00
N GLY B 67 36.88 -2.25 2.65
CA GLY B 67 36.25 -3.16 1.70
C GLY B 67 35.26 -4.03 2.44
N GLN B 68 35.41 -4.07 3.75
CA GLN B 68 34.49 -4.82 4.58
C GLN B 68 33.21 -4.04 4.91
N SER B 69 32.20 -4.79 5.30
CA SER B 69 30.95 -4.23 5.77
C SER B 69 30.91 -4.30 7.29
N GLY B 70 30.24 -3.33 7.87
CA GLY B 70 29.82 -3.41 9.25
C GLY B 70 28.35 -3.80 9.25
N GLY B 71 28.00 -4.70 10.15
CA GLY B 71 26.61 -5.11 10.32
C GLY B 71 25.97 -4.31 11.43
N VAL B 72 24.72 -3.92 11.21
CA VAL B 72 23.97 -3.18 12.20
C VAL B 72 22.65 -3.89 12.43
N ILE B 73 22.38 -4.21 13.69
CA ILE B 73 21.08 -4.66 14.11
C ILE B 73 20.32 -3.44 14.60
N PRO B 74 19.28 -3.02 13.83
CA PRO B 74 18.43 -1.95 14.36
C PRO B 74 17.56 -2.43 15.50
N PRO B 75 17.25 -1.52 16.46
CA PRO B 75 16.41 -1.89 17.61
C PRO B 75 14.99 -2.12 17.17
N GLY B 76 14.26 -2.89 17.96
CA GLY B 76 12.84 -3.08 17.77
C GLY B 76 12.52 -4.49 17.31
N GLU B 77 11.24 -4.72 17.05
CA GLU B 77 10.77 -6.03 16.64
C GLU B 77 10.23 -5.97 15.22
N ASP B 78 10.74 -6.82 14.35
CA ASP B 78 10.25 -6.93 12.97
C ASP B 78 8.80 -7.43 12.96
N PRO B 79 7.86 -6.58 12.52
CA PRO B 79 6.43 -6.97 12.52
C PRO B 79 6.15 -8.10 11.55
N GLU B 80 7.04 -8.25 10.57
CA GLU B 80 7.00 -9.35 9.61
C GLU B 80 7.37 -10.66 10.29
N LYS B 81 8.33 -10.60 11.21
CA LYS B 81 8.82 -11.75 11.96
C LYS B 81 7.94 -12.08 13.16
N LYS B 82 7.26 -11.07 13.71
CA LYS B 82 6.29 -11.28 14.77
C LYS B 82 5.07 -12.02 14.22
N ALA B 83 4.78 -11.79 12.94
CA ALA B 83 3.66 -12.42 12.24
C ALA B 83 3.83 -13.92 12.03
N LYS B 84 5.08 -14.38 12.01
CA LYS B 84 5.42 -15.78 11.73
C LYS B 84 5.50 -16.63 12.99
N ASP B 88 14.41 -15.21 16.25
CA ASP B 88 13.20 -14.67 15.64
C ASP B 88 13.04 -13.18 15.96
N VAL B 89 11.99 -12.57 15.41
CA VAL B 89 11.49 -11.24 15.81
C VAL B 89 12.44 -10.03 15.63
N GLY B 90 13.65 -10.09 16.19
CA GLY B 90 14.58 -8.98 16.06
C GLY B 90 15.01 -8.77 14.62
N TYR B 91 15.23 -7.52 14.24
CA TYR B 91 15.62 -7.16 12.89
C TYR B 91 16.93 -7.81 12.50
N THR B 92 16.92 -8.44 11.32
CA THR B 92 18.14 -9.00 10.77
C THR B 92 19.15 -7.89 10.46
N VAL B 93 20.42 -8.25 10.48
CA VAL B 93 21.52 -7.35 10.22
C VAL B 93 21.36 -6.69 8.84
N ARG B 94 21.58 -5.38 8.81
CA ARG B 94 21.84 -4.64 7.58
C ARG B 94 23.31 -4.36 7.58
N LEU B 95 23.93 -4.58 6.41
CA LEU B 95 25.34 -4.37 6.21
C LEU B 95 25.56 -3.00 5.63
N TYR B 96 26.61 -2.34 6.06
CA TYR B 96 26.96 -1.04 5.52
C TYR B 96 28.45 -1.02 5.24
N SER B 97 28.81 -0.75 4.00
CA SER B 97 30.20 -0.64 3.61
C SER B 97 30.93 0.34 4.52
N ILE B 98 32.00 -0.14 5.13
CA ILE B 98 32.84 0.72 5.95
C ILE B 98 33.51 1.76 5.04
N ALA B 99 33.35 3.03 5.41
CA ALA B 99 33.85 4.09 4.55
C ALA B 99 35.19 4.65 5.04
N SER B 100 35.56 4.29 6.26
CA SER B 100 36.78 4.74 6.90
C SER B 100 37.94 3.79 6.62
N PRO B 101 39.15 4.35 6.45
CA PRO B 101 40.36 3.53 6.34
C PRO B 101 40.58 2.65 7.57
N SER B 102 41.30 1.55 7.37
CA SER B 102 41.52 0.54 8.40
C SER B 102 41.92 1.05 9.80
N TYR B 103 42.97 1.87 9.88
CA TYR B 103 43.54 2.36 11.16
C TYR B 103 45.04 2.07 11.21
N MET B 107 46.05 6.37 13.69
CA MET B 107 45.40 7.64 13.35
C MET B 107 44.59 8.23 14.50
N LYS B 108 44.60 9.49 14.72
CA LYS B 108 44.04 10.36 15.74
C LYS B 108 42.75 9.77 16.33
N GLU B 109 41.77 9.40 15.62
CA GLU B 109 40.52 8.88 16.20
C GLU B 109 40.29 7.41 15.84
N ASP B 110 39.79 6.64 16.81
CA ASP B 110 39.56 5.21 16.61
C ASP B 110 38.08 4.95 16.39
N ASN B 111 37.70 4.96 15.12
CA ASN B 111 36.29 4.84 14.80
C ASN B 111 36.00 4.04 13.53
N ILE B 112 34.72 3.96 13.20
CA ILE B 112 34.29 3.33 11.96
C ILE B 112 33.30 4.30 11.33
N GLU B 113 33.35 4.45 10.01
CA GLU B 113 32.40 5.35 9.34
C GLU B 113 31.56 4.63 8.32
N PHE B 114 30.33 5.12 8.18
CA PHE B 114 29.40 4.62 7.18
C PHE B 114 28.79 5.78 6.42
N ILE B 115 28.53 5.56 5.12
CA ILE B 115 27.77 6.49 4.29
C ILE B 115 26.40 5.84 4.04
N ILE B 116 25.37 6.35 4.71
CA ILE B 116 24.07 5.70 4.69
C ILE B 116 22.99 6.62 4.15
N LYS B 117 22.28 6.11 3.15
CA LYS B 117 21.12 6.80 2.60
C LYS B 117 19.87 6.31 3.31
N ARG B 118 18.99 7.25 3.64
CA ARG B 118 17.66 6.90 4.07
C ARG B 118 16.95 6.15 2.94
N ASP B 119 16.58 4.90 3.22
CA ASP B 119 16.01 4.01 2.20
C ASP B 119 14.50 3.94 2.40
N ASN B 120 13.78 4.81 1.69
CA ASN B 120 12.32 4.89 1.73
C ASN B 120 11.74 4.82 0.30
N ILE B 121 10.45 4.55 0.20
CA ILE B 121 9.82 4.23 -1.09
C ILE B 121 9.22 5.43 -1.84
N TYR B 122 8.60 6.35 -1.09
CA TYR B 122 7.96 7.58 -1.60
C TYR B 122 6.85 7.34 -2.62
N ASP B 123 5.66 7.88 -2.33
CA ASP B 123 4.56 7.86 -3.29
C ASP B 123 4.76 8.93 -4.38
N GLU B 124 3.80 9.04 -5.29
CA GLU B 124 3.91 9.96 -6.43
C GLU B 124 4.14 11.41 -6.06
N ASN B 125 3.64 11.81 -4.89
CA ASN B 125 3.74 13.17 -4.42
C ASN B 125 5.08 13.44 -3.77
N GLY B 126 5.86 12.37 -3.61
CA GLY B 126 7.15 12.44 -2.95
C GLY B 126 7.08 12.33 -1.44
N ASN B 127 5.89 12.04 -0.92
CA ASN B 127 5.72 11.77 0.51
C ASN B 127 6.05 10.31 0.77
N ILE B 128 6.54 10.02 1.97
CA ILE B 128 6.91 8.66 2.31
C ILE B 128 5.70 7.72 2.37
N GLN B 129 5.86 6.55 1.77
CA GLN B 129 4.91 5.45 1.86
C GLN B 129 5.49 4.44 2.84
N PHE B 130 6.75 4.06 2.61
CA PHE B 130 7.42 3.06 3.42
C PHE B 130 8.83 3.52 3.81
N LYS B 131 9.22 3.21 5.05
CA LYS B 131 10.50 3.60 5.60
C LYS B 131 11.35 2.36 5.84
N GLY B 132 12.61 2.43 5.40
CA GLY B 132 13.58 1.43 5.71
C GLY B 132 13.93 1.49 7.18
N VAL B 133 13.96 0.35 7.84
CA VAL B 133 14.18 0.31 9.27
C VAL B 133 15.57 0.83 9.66
N CYS B 134 16.60 0.19 9.12
CA CYS B 134 17.97 0.44 9.58
C CYS B 134 18.56 1.72 9.03
N SER B 135 18.30 2.01 7.76
CA SER B 135 18.88 3.20 7.14
C SER B 135 18.42 4.44 7.92
N ASN B 136 17.11 4.56 8.10
CA ASN B 136 16.53 5.61 8.93
C ASN B 136 16.94 5.58 10.39
N TYR B 137 17.06 4.39 10.96
CA TYR B 137 17.57 4.25 12.32
C TYR B 137 18.99 4.80 12.39
N MET B 138 19.81 4.44 11.41
CA MET B 138 21.17 4.93 11.36
C MET B 138 21.23 6.46 11.20
N CYS B 139 20.36 7.01 10.38
CA CYS B 139 20.38 8.44 10.09
C CYS B 139 19.74 9.28 11.18
N ASP B 140 19.00 8.62 12.07
CA ASP B 140 18.35 9.29 13.21
C ASP B 140 19.23 9.27 14.44
N LEU B 141 20.36 8.59 14.32
CA LEU B 141 21.30 8.47 15.42
C LEU B 141 21.79 9.84 15.88
N LYS B 142 21.86 9.97 17.19
CA LYS B 142 22.36 11.17 17.83
C LYS B 142 23.67 10.78 18.50
N PRO B 143 24.58 11.75 18.69
CA PRO B 143 25.82 11.54 19.44
C PRO B 143 25.59 10.83 20.78
N GLY B 144 26.45 9.86 21.09
CA GLY B 144 26.34 9.06 22.30
C GLY B 144 25.39 7.87 22.23
N ASP B 145 24.70 7.73 21.10
CA ASP B 145 23.81 6.60 20.87
C ASP B 145 24.64 5.33 20.68
N GLU B 146 24.14 4.20 21.16
CA GLU B 146 24.84 2.96 21.01
C GLU B 146 24.29 2.20 19.80
N VAL B 147 25.19 1.85 18.90
CA VAL B 147 24.86 1.03 17.74
C VAL B 147 25.27 -0.41 18.00
N THR B 148 24.32 -1.33 17.84
CA THR B 148 24.60 -2.74 17.96
C THR B 148 25.16 -3.22 16.63
N MET B 149 26.39 -3.74 16.66
CA MET B 149 27.11 -4.08 15.46
C MET B 149 27.48 -5.54 15.33
N THR B 150 27.76 -5.92 14.09
CA THR B 150 28.05 -7.29 13.73
C THR B 150 29.21 -7.22 12.75
N GLY B 151 29.94 -8.31 12.62
CA GLY B 151 31.01 -8.39 11.65
C GLY B 151 32.38 -8.35 12.28
N PRO B 152 33.39 -7.87 11.53
CA PRO B 152 33.26 -7.36 10.15
C PRO B 152 32.72 -8.41 9.18
N SER B 153 32.23 -7.96 8.03
CA SER B 153 31.65 -8.86 7.05
C SER B 153 32.27 -8.68 5.67
N GLY B 154 32.66 -9.81 5.07
CA GLY B 154 33.23 -9.83 3.74
C GLY B 154 34.73 -9.94 3.76
N LYS B 155 35.27 -10.81 2.90
CA LYS B 155 36.71 -11.03 2.82
C LYS B 155 37.18 -11.15 1.36
N LYS B 156 36.38 -10.59 0.44
CA LYS B 156 36.70 -10.65 -0.99
C LYS B 156 36.97 -9.25 -1.52
N PHE B 157 36.11 -8.30 -1.14
CA PHE B 157 36.12 -6.94 -1.65
C PHE B 157 37.23 -6.15 -0.96
N LEU B 158 38.47 -6.49 -1.26
CA LEU B 158 39.58 -5.99 -0.50
C LEU B 158 40.63 -5.34 -1.36
N LEU B 159 41.34 -4.37 -0.78
CA LEU B 159 42.53 -3.80 -1.38
C LEU B 159 43.64 -4.84 -1.38
N PRO B 160 44.63 -4.68 -2.28
CA PRO B 160 45.79 -5.57 -2.20
C PRO B 160 46.48 -5.42 -0.84
N ASN B 161 46.93 -6.53 -0.26
CA ASN B 161 47.62 -6.53 1.04
C ASN B 161 49.13 -6.39 0.94
N THR B 162 49.61 -6.33 -0.31
CA THR B 162 51.00 -6.05 -0.58
C THR B 162 51.08 -4.95 -1.64
N ASP B 163 52.29 -4.43 -1.84
CA ASP B 163 52.61 -3.40 -2.83
C ASP B 163 51.93 -3.68 -4.16
N PHE B 164 51.34 -2.66 -4.75
CA PHE B 164 50.55 -2.85 -5.96
C PHE B 164 50.89 -1.79 -6.99
N SER B 165 51.19 -2.24 -8.20
CA SER B 165 51.64 -1.35 -9.27
C SER B 165 50.56 -1.17 -10.32
N GLY B 166 49.56 -2.03 -10.28
CA GLY B 166 48.49 -1.98 -11.25
C GLY B 166 47.49 -0.88 -10.97
N ASP B 167 46.74 -0.51 -11.99
CA ASP B 167 45.72 0.51 -11.86
C ASP B 167 44.49 -0.03 -11.17
N ILE B 168 43.77 0.87 -10.52
CA ILE B 168 42.57 0.52 -9.81
C ILE B 168 41.44 1.44 -10.27
N MET B 169 40.31 0.85 -10.62
CA MET B 169 39.14 1.62 -10.92
C MET B 169 38.10 1.32 -9.87
N PHE B 170 37.66 2.39 -9.23
CA PHE B 170 36.58 2.34 -8.26
C PHE B 170 35.33 2.77 -8.97
N LEU B 171 34.32 1.91 -8.93
CA LEU B 171 33.06 2.17 -9.61
C LEU B 171 31.92 2.22 -8.63
N ALA B 172 31.39 3.42 -8.42
CA ALA B 172 30.42 3.64 -7.35
C ALA B 172 29.12 4.23 -7.84
N THR B 173 28.03 3.78 -7.24
CA THR B 173 26.78 4.51 -7.36
C THR B 173 26.29 4.82 -5.95
N GLY B 174 25.91 6.08 -5.76
CA GLY B 174 25.42 6.53 -4.48
C GLY B 174 26.35 6.20 -3.35
N THR B 175 25.80 5.50 -2.38
CA THR B 175 26.48 5.14 -1.15
C THR B 175 27.63 4.16 -1.37
N GLY B 176 27.67 3.55 -2.56
CA GLY B 176 28.74 2.66 -2.95
C GLY B 176 30.11 3.31 -3.04
N ILE B 177 30.11 4.64 -2.91
CA ILE B 177 31.33 5.42 -2.76
C ILE B 177 32.05 5.05 -1.46
N ALA B 178 31.27 4.61 -0.47
CA ALA B 178 31.74 4.38 0.89
C ALA B 178 33.10 3.68 0.99
N PRO B 179 33.26 2.47 0.42
CA PRO B 179 34.58 1.79 0.55
C PRO B 179 35.69 2.57 -0.12
N PHE B 180 35.34 3.29 -1.18
CA PHE B 180 36.29 3.98 -2.02
C PHE B 180 36.81 5.25 -1.35
N ILE B 181 36.11 5.72 -0.33
CA ILE B 181 36.62 6.81 0.49
C ILE B 181 37.79 6.32 1.34
N GLY B 182 37.58 5.21 2.04
CA GLY B 182 38.64 4.60 2.83
C GLY B 182 39.76 4.02 1.99
N MET B 183 39.40 3.43 0.85
CA MET B 183 40.38 2.81 -0.05
C MET B 183 41.30 3.84 -0.67
N SER B 184 40.72 4.96 -1.09
CA SER B 184 41.52 6.05 -1.65
C SER B 184 42.40 6.72 -0.57
N GLU B 185 41.86 6.94 0.62
CA GLU B 185 42.69 7.41 1.74
C GLU B 185 43.85 6.45 2.02
N GLU B 186 43.56 5.16 2.06
CA GLU B 186 44.59 4.17 2.31
C GLU B 186 45.66 4.12 1.25
N LEU B 187 45.25 4.09 -0.01
CA LEU B 187 46.20 3.96 -1.09
C LEU B 187 47.03 5.22 -1.28
N LEU B 188 46.41 6.37 -1.05
CA LEU B 188 47.03 7.64 -1.43
C LEU B 188 47.67 8.39 -0.29
N GLU B 189 47.11 8.23 0.91
CA GLU B 189 47.52 9.01 2.06
C GLU B 189 48.21 8.13 3.09
N HIS B 190 47.53 7.06 3.49
CA HIS B 190 48.04 6.22 4.57
C HIS B 190 49.16 5.31 4.09
N LYS B 191 49.12 4.92 2.81
CA LYS B 191 50.18 4.16 2.17
C LYS B 191 50.65 2.99 3.06
N LEU B 192 49.74 2.08 3.34
CA LEU B 192 50.03 0.84 4.08
C LEU B 192 50.77 -0.13 3.18
N ILE B 193 50.43 -0.06 1.89
CA ILE B 193 51.17 -0.73 0.83
C ILE B 193 51.79 0.34 -0.04
N LYS B 194 52.79 -0.03 -0.83
CA LYS B 194 53.26 0.84 -1.89
C LYS B 194 52.33 0.69 -3.08
N PHE B 195 51.50 1.70 -3.30
CA PHE B 195 50.64 1.70 -4.45
C PHE B 195 51.20 2.67 -5.47
N THR B 196 51.69 2.13 -6.58
CA THR B 196 52.29 2.95 -7.62
C THR B 196 51.46 2.98 -8.91
N GLY B 197 50.20 2.54 -8.83
CA GLY B 197 49.29 2.59 -9.97
C GLY B 197 48.43 3.85 -10.01
N ASN B 198 47.55 3.93 -11.00
CA ASN B 198 46.56 5.03 -11.09
C ASN B 198 45.20 4.61 -10.56
N ILE B 199 44.55 5.49 -9.81
CA ILE B 199 43.17 5.29 -9.40
C ILE B 199 42.24 6.10 -10.29
N THR B 200 41.24 5.42 -10.83
CA THR B 200 40.11 6.11 -11.45
C THR B 200 38.91 5.86 -10.58
N LEU B 201 38.38 6.94 -10.01
CA LEU B 201 37.12 6.84 -9.29
C LEU B 201 36.02 7.32 -10.21
N VAL B 202 35.13 6.41 -10.55
CA VAL B 202 33.97 6.72 -11.36
C VAL B 202 32.77 6.66 -10.44
N TYR B 203 32.15 7.81 -10.21
CA TYR B 203 31.16 7.92 -9.14
C TYR B 203 29.84 8.45 -9.67
N GLY B 204 28.81 7.63 -9.52
CA GLY B 204 27.48 7.89 -10.07
C GLY B 204 26.45 8.26 -9.03
N ALA B 205 25.72 9.32 -9.32
CA ALA B 205 24.62 9.74 -8.48
C ALA B 205 23.61 10.41 -9.39
N PRO B 206 22.33 10.39 -9.02
CA PRO B 206 21.26 11.05 -9.79
C PRO B 206 21.45 12.55 -9.96
N TYR B 207 21.76 13.25 -8.87
CA TYR B 207 22.02 14.69 -8.92
C TYR B 207 23.39 14.97 -8.31
N SER B 208 23.99 16.11 -8.69
CA SER B 208 25.36 16.46 -8.29
C SER B 208 25.49 16.67 -6.78
N ASP B 209 24.46 17.26 -6.19
CA ASP B 209 24.42 17.46 -4.74
C ASP B 209 24.16 16.17 -3.97
N GLU B 210 23.92 15.09 -4.72
CA GLU B 210 23.72 13.77 -4.14
C GLU B 210 24.97 12.93 -4.22
N LEU B 211 25.97 13.47 -4.90
CA LEU B 211 27.36 13.06 -4.77
C LEU B 211 27.84 13.54 -3.39
N VAL B 212 28.44 12.66 -2.63
CA VAL B 212 28.95 13.02 -1.30
C VAL B 212 30.47 12.88 -1.24
N MET B 213 31.06 13.55 -0.25
CA MET B 213 32.48 13.52 0.05
C MET B 213 33.27 14.13 -1.10
N MET B 214 32.64 15.06 -1.82
CA MET B 214 33.20 15.55 -3.06
C MET B 214 34.37 16.49 -2.84
N ASP B 215 34.30 17.33 -1.81
CA ASP B 215 35.40 18.18 -1.39
C ASP B 215 36.64 17.34 -1.07
N TYR B 216 36.41 16.22 -0.39
CA TYR B 216 37.47 15.27 -0.08
C TYR B 216 37.95 14.56 -1.34
N LEU B 217 37.01 14.16 -2.20
CA LEU B 217 37.34 13.43 -3.43
C LEU B 217 38.09 14.28 -4.44
N LYS B 218 37.65 15.53 -4.58
CA LYS B 218 38.29 16.51 -5.44
C LYS B 218 39.62 16.99 -4.86
N GLY B 219 39.71 16.99 -3.54
CA GLY B 219 40.96 17.29 -2.86
C GLY B 219 42.03 16.24 -3.11
N LEU B 220 41.61 14.98 -3.14
CA LEU B 220 42.49 13.87 -3.50
C LEU B 220 42.98 13.97 -4.93
N GLU B 221 42.11 14.45 -5.82
CA GLU B 221 42.45 14.61 -7.22
C GLU B 221 43.47 15.72 -7.43
N SER B 222 43.29 16.85 -6.75
CA SER B 222 44.24 17.95 -6.86
C SER B 222 45.60 17.60 -6.26
N LYS B 223 45.60 16.74 -5.26
CA LYS B 223 46.80 16.39 -4.53
C LYS B 223 47.58 15.25 -5.19
N HIS B 224 46.87 14.34 -5.88
CA HIS B 224 47.52 13.10 -6.31
C HIS B 224 47.94 12.90 -7.76
N LYS B 225 47.13 13.36 -8.72
CA LYS B 225 47.48 13.24 -10.15
C LYS B 225 47.54 11.76 -10.53
N ASN B 226 47.71 10.97 -9.47
CA ASN B 226 47.59 9.52 -9.36
C ASN B 226 46.13 9.10 -9.23
N PHE B 227 45.26 10.08 -8.99
CA PHE B 227 43.86 9.84 -8.69
C PHE B 227 42.99 10.67 -9.62
N LYS B 228 42.12 9.99 -10.35
CA LYS B 228 41.21 10.62 -11.28
C LYS B 228 39.79 10.41 -10.77
N LEU B 229 39.05 11.51 -10.64
CA LEU B 229 37.66 11.47 -10.23
C LEU B 229 36.75 11.82 -11.42
N ILE B 230 35.89 10.86 -11.74
CA ILE B 230 34.90 11.01 -12.78
C ILE B 230 33.54 10.83 -12.14
N THR B 231 32.62 11.73 -12.46
CA THR B 231 31.26 11.58 -12.00
C THR B 231 30.33 11.30 -13.16
N ALA B 232 29.23 10.63 -12.84
CA ALA B 232 28.16 10.37 -13.77
C ALA B 232 26.92 10.80 -13.03
N ILE B 233 26.33 11.91 -13.47
CA ILE B 233 25.13 12.40 -12.85
C ILE B 233 23.95 12.11 -13.77
N SER B 234 23.17 11.10 -13.43
CA SER B 234 22.18 10.51 -14.34
C SER B 234 20.99 11.40 -14.70
N ARG B 235 20.57 12.28 -13.79
CA ARG B 235 19.40 13.11 -14.02
C ARG B 235 19.79 14.52 -14.43
N GLU B 236 21.09 14.73 -14.64
CA GLU B 236 21.60 16.02 -15.12
C GLU B 236 22.50 15.87 -16.34
N GLU B 237 22.95 14.65 -16.59
CA GLU B 237 23.85 14.41 -17.68
C GLU B 237 23.28 13.35 -18.60
N LYS B 238 23.56 13.53 -19.89
CA LYS B 238 23.27 12.53 -20.89
C LYS B 238 24.59 12.05 -21.46
N ASN B 239 24.70 10.76 -21.72
CA ASN B 239 25.94 10.24 -22.28
C ASN B 239 26.06 10.58 -23.77
N SER B 240 27.27 10.56 -24.31
CA SER B 240 27.50 10.98 -25.68
C SER B 240 27.18 9.87 -26.68
N PHE B 241 27.05 8.65 -26.18
CA PHE B 241 26.83 7.47 -27.03
C PHE B 241 25.40 7.32 -27.55
N ASP B 242 24.44 7.26 -26.63
CA ASP B 242 23.04 7.19 -27.01
C ASP B 242 22.18 8.38 -26.55
N GLY B 243 22.80 9.35 -25.88
CA GLY B 243 22.06 10.52 -25.38
C GLY B 243 21.14 10.21 -24.21
N GLY B 244 21.19 8.98 -23.70
CA GLY B 244 20.42 8.59 -22.54
C GLY B 244 21.08 9.07 -21.27
N ARG B 245 20.47 8.78 -20.13
CA ARG B 245 21.02 9.15 -18.84
C ARG B 245 22.45 8.69 -18.71
N MET B 246 23.27 9.51 -18.07
CA MET B 246 24.67 9.21 -17.86
C MET B 246 24.84 8.35 -16.61
N TYR B 247 25.34 7.13 -16.82
CA TYR B 247 25.67 6.23 -15.73
C TYR B 247 27.18 5.95 -15.76
N ILE B 248 27.67 5.36 -14.67
CA ILE B 248 29.09 5.09 -14.55
C ILE B 248 29.57 4.17 -15.65
N SER B 249 28.64 3.38 -16.22
CA SER B 249 28.97 2.42 -17.28
C SER B 249 29.37 3.16 -18.54
N HIS B 250 28.76 4.33 -18.76
CA HIS B 250 29.10 5.19 -19.90
C HIS B 250 30.44 5.86 -19.71
N ARG B 251 30.81 6.10 -18.45
CA ARG B 251 32.10 6.68 -18.11
C ARG B 251 33.19 5.62 -18.34
N VAL B 252 32.87 4.38 -17.99
CA VAL B 252 33.76 3.25 -18.23
C VAL B 252 34.07 3.16 -19.73
N ARG B 253 33.04 3.32 -20.53
CA ARG B 253 33.11 3.37 -21.99
C ARG B 253 33.99 4.51 -22.52
N GLU B 254 33.92 5.67 -21.87
CA GLU B 254 34.80 6.80 -22.18
C GLU B 254 36.24 6.60 -21.68
N GLN B 255 36.42 5.75 -20.69
CA GLN B 255 37.72 5.48 -20.10
C GLN B 255 38.24 4.12 -20.53
N ALA B 256 38.11 3.82 -21.82
CA ALA B 256 38.58 2.58 -22.39
C ALA B 256 40.07 2.35 -22.13
N GLU B 257 40.89 3.39 -22.33
CA GLU B 257 42.33 3.28 -22.11
C GLU B 257 42.60 2.81 -20.70
N ALA B 258 41.92 3.44 -19.72
CA ALA B 258 42.06 3.10 -18.31
C ALA B 258 41.62 1.65 -18.06
N VAL B 259 40.43 1.32 -18.57
CA VAL B 259 39.85 -0.01 -18.45
C VAL B 259 40.82 -1.04 -19.04
N LYS B 260 41.37 -0.74 -20.21
CA LYS B 260 42.39 -1.59 -20.86
C LYS B 260 43.71 -1.69 -20.09
N LYS B 261 44.12 -0.59 -19.45
CA LYS B 261 45.31 -0.60 -18.60
C LYS B 261 45.12 -1.59 -17.46
N ILE B 262 43.94 -1.55 -16.83
CA ILE B 262 43.58 -2.48 -15.76
C ILE B 262 43.51 -3.93 -16.25
N LEU B 263 42.79 -4.14 -17.35
CA LEU B 263 42.60 -5.45 -17.97
C LEU B 263 43.89 -6.16 -18.36
N ASN B 264 44.85 -5.39 -18.85
CA ASN B 264 46.07 -5.92 -19.44
C ASN B 264 47.28 -5.74 -18.55
N GLY B 265 47.12 -4.93 -17.50
CA GLY B 265 48.22 -4.52 -16.66
C GLY B 265 48.11 -4.91 -15.20
N GLY B 266 47.32 -5.95 -14.93
CA GLY B 266 47.16 -6.53 -13.60
C GLY B 266 46.37 -5.66 -12.63
N GLY B 267 45.46 -4.86 -13.16
CA GLY B 267 44.73 -3.92 -12.35
C GLY B 267 43.45 -4.50 -11.78
N ARG B 268 42.72 -3.67 -11.04
CA ARG B 268 41.50 -4.12 -10.39
C ARG B 268 40.35 -3.16 -10.65
N PHE B 269 39.16 -3.73 -10.87
CA PHE B 269 37.90 -2.99 -10.84
C PHE B 269 37.19 -3.33 -9.57
N TYR B 270 36.71 -2.30 -8.89
CA TYR B 270 35.89 -2.42 -7.70
C TYR B 270 34.59 -1.78 -8.04
N ILE B 271 33.52 -2.57 -7.98
CA ILE B 271 32.20 -2.05 -8.27
C ILE B 271 31.38 -2.15 -7.00
N CYS B 272 30.96 -0.99 -6.52
CA CYS B 272 30.14 -0.91 -5.33
C CYS B 272 28.94 0.02 -5.53
N GLY B 273 27.79 -0.36 -5.00
CA GLY B 273 26.66 0.54 -5.05
C GLY B 273 25.40 -0.15 -5.44
N GLY B 274 24.35 0.64 -5.69
CA GLY B 274 23.05 0.10 -6.00
C GLY B 274 22.59 0.48 -7.39
N PRO B 275 21.49 -0.16 -7.84
CA PRO B 275 20.85 -1.20 -7.06
C PRO B 275 21.53 -2.55 -7.32
N LYS B 276 20.94 -3.62 -6.80
CA LYS B 276 21.53 -4.93 -6.97
C LYS B 276 21.67 -5.23 -8.47
N GLY B 277 22.84 -5.70 -8.86
CA GLY B 277 23.09 -6.07 -10.24
C GLY B 277 23.49 -4.92 -11.14
N MET B 278 23.73 -3.76 -10.55
CA MET B 278 24.15 -2.60 -11.32
C MET B 278 25.53 -2.83 -11.94
N GLU B 279 26.27 -3.78 -11.38
CA GLU B 279 27.59 -4.08 -11.88
C GLU B 279 27.53 -4.68 -13.28
N LYS B 280 26.41 -5.31 -13.60
CA LYS B 280 26.20 -5.90 -14.92
C LYS B 280 26.51 -4.94 -16.06
N GLY B 281 25.82 -3.81 -16.13
CA GLY B 281 26.03 -2.84 -17.19
C GLY B 281 27.45 -2.32 -17.25
N VAL B 282 28.04 -2.14 -16.07
CA VAL B 282 29.43 -1.74 -15.92
C VAL B 282 30.34 -2.82 -16.51
N ILE B 283 30.16 -4.06 -16.05
CA ILE B 283 31.01 -5.18 -16.45
C ILE B 283 30.90 -5.45 -17.94
N GLU B 284 29.68 -5.39 -18.49
CA GLU B 284 29.53 -5.65 -19.92
C GLU B 284 30.18 -4.56 -20.78
N GLU B 285 30.35 -3.40 -20.18
CA GLU B 285 31.09 -2.29 -20.79
C GLU B 285 32.59 -2.58 -20.76
N ILE B 286 33.05 -3.06 -19.61
CA ILE B 286 34.42 -3.54 -19.45
C ILE B 286 34.68 -4.66 -20.46
N GLN B 287 33.72 -5.57 -20.59
CA GLN B 287 33.82 -6.68 -21.56
C GLN B 287 33.85 -6.26 -23.02
N LYS B 288 33.10 -5.23 -23.38
CA LYS B 288 33.15 -4.70 -24.74
C LYS B 288 34.54 -4.16 -25.05
N ILE B 289 35.16 -3.51 -24.07
CA ILE B 289 36.50 -2.96 -24.20
C ILE B 289 37.53 -4.07 -24.32
N SER B 290 37.34 -5.13 -23.55
CA SER B 290 38.27 -6.26 -23.51
C SER B 290 38.28 -7.05 -24.82
N GLY B 291 37.18 -6.97 -25.56
CA GLY B 291 37.02 -7.73 -26.79
C GLY B 291 36.75 -9.21 -26.52
N ASN B 292 36.54 -9.55 -25.26
CA ASN B 292 36.25 -10.90 -24.84
C ASN B 292 34.86 -11.29 -25.31
N THR B 293 34.79 -12.42 -26.01
CA THR B 293 33.56 -12.88 -26.64
C THR B 293 32.94 -14.06 -25.88
N GLY B 294 33.47 -14.33 -24.70
CA GLY B 294 32.83 -15.28 -23.78
C GLY B 294 31.53 -14.72 -23.25
N THR B 295 30.77 -15.53 -22.51
CA THR B 295 29.57 -15.01 -21.88
C THR B 295 29.91 -13.98 -20.80
N TYR B 296 28.90 -13.21 -20.40
CA TYR B 296 29.03 -12.23 -19.34
C TYR B 296 29.62 -12.87 -18.08
N GLU B 297 29.05 -14.02 -17.74
CA GLU B 297 29.34 -14.75 -16.54
C GLU B 297 30.76 -15.36 -16.60
N GLU B 298 31.15 -15.83 -17.78
CA GLU B 298 32.51 -16.33 -18.02
C GLU B 298 33.55 -15.22 -17.88
N PHE B 299 33.23 -14.05 -18.40
CA PHE B 299 34.12 -12.91 -18.33
C PHE B 299 34.24 -12.36 -16.92
N LYS B 300 33.10 -12.25 -16.25
CA LYS B 300 33.00 -11.73 -14.89
C LYS B 300 33.71 -12.61 -13.88
N HIS B 301 33.35 -13.89 -13.87
CA HIS B 301 33.92 -14.82 -12.91
C HIS B 301 35.41 -15.00 -13.09
N HIS B 302 35.84 -15.00 -14.34
CA HIS B 302 37.25 -15.05 -14.65
C HIS B 302 37.99 -13.82 -14.11
N LEU B 303 37.38 -12.65 -14.24
CA LEU B 303 37.98 -11.42 -13.77
C LEU B 303 38.01 -11.38 -12.24
N GLU B 304 36.97 -11.93 -11.61
CA GLU B 304 36.93 -12.11 -10.15
C GLU B 304 37.97 -13.14 -9.67
N GLY B 305 38.07 -14.26 -10.38
CA GLY B 305 39.08 -15.26 -10.08
C GLY B 305 40.50 -14.73 -10.26
N ALA B 306 40.69 -13.91 -11.29
CA ALA B 306 41.95 -13.21 -11.52
C ALA B 306 42.25 -12.10 -10.49
N HIS B 307 41.27 -11.83 -9.60
CA HIS B 307 41.37 -10.76 -8.60
C HIS B 307 41.43 -9.40 -9.28
N GLN B 308 40.71 -9.28 -10.38
CA GLN B 308 40.74 -8.06 -11.16
C GLN B 308 39.41 -7.39 -11.09
N LEU B 309 38.46 -8.07 -10.46
CA LEU B 309 37.08 -7.61 -10.35
C LEU B 309 36.47 -7.96 -9.00
N PHE B 310 35.99 -6.93 -8.33
CA PHE B 310 35.41 -7.07 -7.02
C PHE B 310 34.11 -6.30 -7.07
N VAL B 311 33.04 -7.00 -6.77
CA VAL B 311 31.75 -6.37 -6.77
C VAL B 311 30.99 -6.56 -5.47
N GLU B 312 30.35 -5.46 -5.07
CA GLU B 312 29.54 -5.41 -3.89
C GLU B 312 28.37 -4.50 -4.19
N THR B 313 27.35 -5.06 -4.82
CA THR B 313 26.20 -4.28 -5.17
C THR B 313 24.99 -4.72 -4.37
N TYR B 314 24.10 -3.76 -4.12
CA TYR B 314 23.01 -3.99 -3.20
C TYR B 314 21.81 -3.09 -3.50
N THR C 8 -12.13 -39.31 5.59
CA THR C 8 -12.27 -40.42 6.59
C THR C 8 -11.84 -39.92 7.98
N ARG C 9 -12.31 -40.62 9.02
CA ARG C 9 -12.01 -40.25 10.40
C ARG C 9 -10.51 -40.32 10.67
N GLU C 10 -10.10 -39.65 11.75
CA GLU C 10 -8.68 -39.52 12.12
C GLU C 10 -8.06 -38.47 11.21
N PRO C 11 -7.89 -37.25 11.72
CA PRO C 11 -7.37 -36.16 10.93
C PRO C 11 -5.91 -36.36 10.55
N GLN C 12 -5.63 -36.17 9.27
CA GLN C 12 -4.27 -36.18 8.77
C GLN C 12 -3.92 -34.75 8.39
N ILE C 13 -2.66 -34.39 8.55
CA ILE C 13 -2.19 -33.07 8.20
C ILE C 13 -0.97 -33.22 7.31
N ASN C 14 -0.75 -32.22 6.46
CA ASN C 14 0.47 -32.10 5.65
C ASN C 14 0.73 -33.29 4.72
N LEU C 15 -0.36 -33.93 4.27
CA LEU C 15 -0.27 -34.98 3.27
C LEU C 15 0.25 -34.41 1.96
N PHE C 16 -0.11 -33.16 1.71
CA PHE C 16 0.35 -32.40 0.57
C PHE C 16 0.94 -31.08 1.04
N LYS C 17 2.09 -30.71 0.46
CA LYS C 17 2.82 -29.49 0.80
C LYS C 17 3.14 -28.83 -0.53
N LYS C 18 3.76 -27.65 -0.49
CA LYS C 18 4.12 -26.97 -1.75
C LYS C 18 5.00 -27.82 -2.63
N SER C 19 5.86 -28.63 -2.00
CA SER C 19 6.77 -29.54 -2.70
C SER C 19 6.07 -30.74 -3.36
N ASN C 20 4.97 -31.20 -2.78
CA ASN C 20 4.14 -32.26 -3.36
C ASN C 20 2.64 -31.91 -3.28
N PRO C 21 2.19 -30.95 -4.12
CA PRO C 21 0.83 -30.50 -3.94
C PRO C 21 -0.20 -31.46 -4.49
N TYR C 22 -1.44 -31.25 -4.10
CA TYR C 22 -2.56 -32.00 -4.63
C TYR C 22 -3.25 -31.13 -5.67
N LYS C 23 -3.46 -31.70 -6.86
CA LYS C 23 -4.13 -30.99 -7.94
C LYS C 23 -5.59 -31.42 -7.94
N ALA C 24 -6.46 -30.44 -7.71
CA ALA C 24 -7.91 -30.65 -7.68
C ALA C 24 -8.55 -29.90 -8.85
N LYS C 25 -9.54 -30.50 -9.49
CA LYS C 25 -10.24 -29.81 -10.57
C LYS C 25 -11.50 -29.15 -10.04
N VAL C 26 -11.78 -27.96 -10.58
CA VAL C 26 -12.96 -27.19 -10.20
C VAL C 26 -14.19 -27.82 -10.80
N ILE C 27 -15.14 -28.19 -9.93
CA ILE C 27 -16.46 -28.61 -10.35
C ILE C 27 -17.28 -27.36 -10.56
N SER C 28 -17.29 -26.50 -9.55
CA SER C 28 -18.11 -25.30 -9.59
C SER C 28 -17.51 -24.19 -8.74
N ASN C 29 -17.82 -22.97 -9.12
CA ASN C 29 -17.46 -21.79 -8.35
C ASN C 29 -18.59 -20.78 -8.51
N VAL C 30 -19.49 -20.76 -7.55
CA VAL C 30 -20.66 -19.92 -7.69
C VAL C 30 -20.67 -18.80 -6.67
N LEU C 31 -20.97 -17.60 -7.15
CA LEU C 31 -21.14 -16.44 -6.30
C LEU C 31 -22.40 -16.61 -5.44
N LEU C 32 -22.20 -16.48 -4.13
CA LEU C 32 -23.25 -16.70 -3.13
C LEU C 32 -23.87 -15.41 -2.65
N THR C 33 -23.13 -14.31 -2.81
CA THR C 33 -23.59 -13.01 -2.38
C THR C 33 -23.95 -12.17 -3.60
N PRO C 34 -24.69 -11.06 -3.40
CA PRO C 34 -25.08 -10.29 -4.58
C PRO C 34 -23.88 -9.79 -5.35
N GLU C 35 -24.05 -9.65 -6.66
CA GLU C 35 -23.02 -9.07 -7.51
C GLU C 35 -22.73 -7.66 -7.05
N THR C 36 -21.49 -7.22 -7.25
CA THR C 36 -21.07 -5.92 -6.73
C THR C 36 -21.94 -4.78 -7.27
N GLY C 37 -22.30 -3.85 -6.39
CA GLY C 37 -23.25 -2.77 -6.70
C GLY C 37 -24.68 -3.15 -6.33
N THR C 38 -25.00 -4.42 -6.53
CA THR C 38 -26.26 -5.01 -6.08
C THR C 38 -26.15 -5.32 -4.57
N GLY C 39 -27.26 -5.65 -3.96
CA GLY C 39 -27.20 -5.94 -2.53
C GLY C 39 -27.16 -4.72 -1.64
N LYS C 40 -27.03 -4.97 -0.36
CA LYS C 40 -27.30 -3.95 0.66
C LYS C 40 -26.07 -3.09 0.91
N ARG C 41 -24.89 -3.68 0.82
CA ARG C 41 -23.62 -2.98 0.93
C ARG C 41 -23.35 -1.88 -0.08
N PRO C 42 -23.25 -0.65 0.37
CA PRO C 42 -22.82 0.43 -0.48
C PRO C 42 -21.38 0.35 -0.84
N LYS C 43 -21.11 0.84 -2.01
CA LYS C 43 -20.03 0.35 -2.78
C LYS C 43 -18.93 1.35 -2.69
N LYS C 44 -17.97 1.13 -1.79
CA LYS C 44 -17.54 2.16 -0.86
C LYS C 44 -18.22 2.01 0.50
N GLU C 45 -17.57 1.27 1.39
CA GLU C 45 -17.95 -0.11 1.68
C GLU C 45 -17.18 -1.09 0.81
N GLY C 46 -16.59 -2.08 1.45
CA GLY C 46 -16.22 -3.32 0.77
C GLY C 46 -17.06 -3.56 -0.47
N GLU C 47 -16.55 -4.41 -1.36
CA GLU C 47 -17.33 -5.51 -1.91
C GLU C 47 -17.41 -6.67 -0.93
N ALA C 48 -18.60 -7.25 -0.79
CA ALA C 48 -18.73 -8.60 -0.25
C ALA C 48 -18.99 -9.66 -1.29
N LEU C 49 -17.96 -10.21 -1.89
CA LEU C 49 -18.10 -11.30 -2.82
C LEU C 49 -17.63 -12.67 -2.37
N VAL C 50 -18.58 -13.51 -2.12
CA VAL C 50 -18.28 -14.77 -1.46
C VAL C 50 -18.77 -15.92 -2.34
N HIS C 51 -17.85 -16.84 -2.64
CA HIS C 51 -18.07 -17.91 -3.60
C HIS C 51 -18.05 -19.23 -2.89
N ARG C 52 -18.90 -20.13 -3.34
CA ARG C 52 -18.83 -21.52 -2.91
C ARG C 52 -18.01 -22.20 -3.97
N ILE C 53 -16.86 -22.75 -3.59
CA ILE C 53 -16.01 -23.42 -4.55
C ILE C 53 -16.05 -24.92 -4.27
N VAL C 54 -16.39 -25.68 -5.30
CA VAL C 54 -16.45 -27.13 -5.19
C VAL C 54 -15.36 -27.67 -6.10
N LEU C 55 -14.41 -28.36 -5.48
CA LEU C 55 -13.33 -29.00 -6.21
C LEU C 55 -13.53 -30.51 -6.17
N ALA C 56 -13.20 -31.15 -7.28
CA ALA C 56 -13.15 -32.60 -7.36
C ALA C 56 -11.88 -33.03 -6.65
N ILE C 57 -12.03 -33.92 -5.66
CA ILE C 57 -10.88 -34.54 -5.03
C ILE C 57 -11.04 -36.05 -4.89
N ASP C 58 -9.90 -36.74 -4.86
CA ASP C 58 -9.89 -38.14 -4.52
C ASP C 58 -9.76 -38.18 -2.99
N HIS C 59 -10.84 -38.63 -2.35
CA HIS C 59 -10.92 -38.74 -0.90
C HIS C 59 -9.93 -39.73 -0.29
N SER C 60 -9.39 -40.64 -1.10
CA SER C 60 -8.29 -41.52 -0.69
C SER C 60 -6.94 -40.78 -0.67
N ALA C 61 -6.80 -39.80 -1.55
CA ALA C 61 -5.59 -38.98 -1.59
C ALA C 61 -5.70 -37.81 -0.61
N TYR C 62 -6.92 -37.29 -0.44
CA TYR C 62 -7.14 -36.13 0.42
C TYR C 62 -8.22 -36.41 1.45
N PRO C 63 -7.93 -37.33 2.37
CA PRO C 63 -8.94 -37.79 3.33
C PRO C 63 -9.12 -36.82 4.49
N TYR C 64 -9.69 -35.66 4.15
CA TYR C 64 -9.86 -34.55 5.07
C TYR C 64 -10.95 -34.79 6.07
N VAL C 65 -10.89 -34.09 7.18
CA VAL C 65 -11.96 -34.11 8.17
C VAL C 65 -12.57 -32.70 8.20
N ILE C 66 -13.88 -32.61 8.35
CA ILE C 66 -14.51 -31.31 8.55
C ILE C 66 -13.96 -30.67 9.83
N GLY C 67 -13.64 -29.39 9.73
CA GLY C 67 -12.94 -28.68 10.79
C GLY C 67 -11.51 -28.41 10.39
N GLN C 68 -11.02 -29.13 9.38
CA GLN C 68 -9.68 -28.91 8.85
C GLN C 68 -9.68 -27.84 7.79
N SER C 69 -8.51 -27.30 7.50
CA SER C 69 -8.35 -26.36 6.43
C SER C 69 -7.75 -27.04 5.22
N GLY C 70 -8.17 -26.60 4.05
CA GLY C 70 -7.51 -26.94 2.81
C GLY C 70 -6.55 -25.80 2.52
N GLY C 71 -5.35 -26.14 2.08
CA GLY C 71 -4.42 -25.11 1.62
C GLY C 71 -4.49 -24.94 0.13
N VAL C 72 -4.41 -23.70 -0.32
CA VAL C 72 -4.30 -23.40 -1.73
C VAL C 72 -3.01 -22.61 -1.98
N ILE C 73 -2.26 -23.03 -3.00
CA ILE C 73 -1.18 -22.22 -3.50
C ILE C 73 -1.71 -21.54 -4.77
N PRO C 74 -1.87 -20.21 -4.74
CA PRO C 74 -2.27 -19.50 -5.94
C PRO C 74 -1.10 -19.46 -6.93
N PRO C 75 -1.40 -19.54 -8.23
CA PRO C 75 -0.37 -19.55 -9.27
C PRO C 75 0.41 -18.25 -9.37
N GLY C 76 1.55 -18.33 -10.07
CA GLY C 76 2.36 -17.16 -10.37
C GLY C 76 3.45 -16.91 -9.37
N GLU C 77 4.16 -15.81 -9.56
CA GLU C 77 5.33 -15.51 -8.74
C GLU C 77 5.16 -14.26 -7.87
N ASP C 78 5.04 -14.52 -6.57
CA ASP C 78 4.99 -13.49 -5.54
C ASP C 78 6.08 -12.45 -5.76
N PRO C 79 5.68 -11.18 -6.02
CA PRO C 79 6.59 -10.06 -6.25
C PRO C 79 7.48 -9.68 -5.07
N GLU C 80 7.04 -9.96 -3.85
CA GLU C 80 7.83 -9.68 -2.65
C GLU C 80 8.98 -10.68 -2.51
N LYS C 81 8.70 -11.94 -2.87
CA LYS C 81 9.68 -13.01 -2.76
C LYS C 81 10.73 -13.00 -3.87
N LYS C 82 10.30 -12.61 -5.08
CA LYS C 82 11.24 -12.33 -6.16
C LYS C 82 12.17 -11.17 -5.76
N ALA C 83 11.61 -10.16 -5.10
CA ALA C 83 12.36 -8.98 -4.67
C ALA C 83 13.30 -9.26 -3.50
N LYS C 84 13.28 -10.50 -3.01
CA LYS C 84 14.16 -10.91 -1.93
C LYS C 84 14.89 -12.21 -2.30
N ASP C 88 12.11 -19.72 -2.38
CA ASP C 88 10.84 -20.19 -2.94
C ASP C 88 10.36 -19.34 -4.13
N VAL C 89 9.76 -18.18 -3.85
CA VAL C 89 9.24 -17.25 -4.89
C VAL C 89 7.76 -17.53 -5.26
N GLY C 90 7.30 -18.76 -5.06
CA GLY C 90 5.89 -19.09 -5.22
C GLY C 90 5.10 -18.47 -4.09
N TYR C 91 3.86 -18.05 -4.37
CA TYR C 91 2.99 -17.51 -3.33
C TYR C 91 2.76 -18.54 -2.23
N THR C 92 2.92 -18.14 -0.98
CA THR C 92 2.66 -19.04 0.14
C THR C 92 1.20 -19.46 0.22
N VAL C 93 0.98 -20.67 0.72
CA VAL C 93 -0.34 -21.25 0.96
C VAL C 93 -1.26 -20.28 1.70
N ARG C 94 -2.48 -20.16 1.19
CA ARG C 94 -3.58 -19.61 1.96
C ARG C 94 -4.46 -20.77 2.38
N LEU C 95 -4.86 -20.75 3.65
CA LEU C 95 -5.71 -21.79 4.21
C LEU C 95 -7.17 -21.39 4.05
N TYR C 96 -8.02 -22.36 3.70
CA TYR C 96 -9.47 -22.12 3.66
C TYR C 96 -10.16 -23.21 4.38
N SER C 97 -11.08 -22.82 5.23
CA SER C 97 -11.77 -23.75 6.10
C SER C 97 -12.20 -25.09 5.53
N ILE C 98 -12.86 -25.27 4.43
CA ILE C 98 -13.40 -26.62 4.12
C ILE C 98 -14.76 -26.62 4.74
N ALA C 99 -15.73 -26.50 3.83
CA ALA C 99 -17.12 -26.24 4.13
C ALA C 99 -17.91 -27.51 4.02
N SER C 100 -17.32 -28.51 3.36
CA SER C 100 -18.04 -29.75 3.07
C SER C 100 -17.83 -30.76 4.18
N PRO C 101 -18.84 -31.61 4.42
CA PRO C 101 -18.65 -32.68 5.40
C PRO C 101 -17.53 -33.61 4.95
N SER C 102 -16.85 -34.26 5.90
CA SER C 102 -15.69 -35.12 5.58
C SER C 102 -15.92 -36.01 4.37
N TYR C 103 -17.15 -36.51 4.21
CA TYR C 103 -17.47 -37.44 3.12
C TYR C 103 -18.14 -36.80 1.91
N SER C 104 -18.22 -35.47 1.91
CA SER C 104 -18.94 -34.68 0.91
C SER C 104 -20.43 -34.83 1.14
N PHE C 105 -21.21 -33.86 0.68
CA PHE C 105 -22.66 -34.00 0.68
C PHE C 105 -23.08 -35.31 -0.02
N GLY C 106 -24.16 -35.91 0.45
CA GLY C 106 -24.64 -37.21 -0.04
C GLY C 106 -23.65 -38.35 0.21
N MET C 107 -22.60 -38.02 0.98
CA MET C 107 -21.49 -38.93 1.27
C MET C 107 -20.88 -39.52 0.00
N LYS C 108 -20.87 -38.69 -1.04
CA LYS C 108 -20.43 -39.11 -2.36
C LYS C 108 -18.92 -39.30 -2.44
N GLU C 109 -18.18 -38.68 -1.50
CA GLU C 109 -16.71 -38.73 -1.48
C GLU C 109 -16.07 -38.28 -2.80
N ASP C 110 -16.63 -37.21 -3.35
CA ASP C 110 -16.35 -36.82 -4.72
C ASP C 110 -15.73 -35.42 -4.81
N ASN C 111 -15.73 -34.69 -3.70
CA ASN C 111 -15.34 -33.30 -3.72
C ASN C 111 -14.92 -32.71 -2.39
N ILE C 112 -14.45 -31.46 -2.47
CA ILE C 112 -14.11 -30.64 -1.32
C ILE C 112 -14.71 -29.25 -1.57
N GLU C 113 -15.25 -28.61 -0.52
CA GLU C 113 -15.90 -27.31 -0.71
C GLU C 113 -15.28 -26.23 0.18
N PHE C 114 -15.26 -25.01 -0.37
CA PHE C 114 -14.79 -23.82 0.33
C PHE C 114 -15.72 -22.65 0.14
N ILE C 115 -15.88 -21.86 1.19
CA ILE C 115 -16.60 -20.58 1.17
C ILE C 115 -15.53 -19.48 1.25
N ILE C 116 -15.28 -18.83 0.13
CA ILE C 116 -14.20 -17.86 0.02
C ILE C 116 -14.70 -16.47 -0.35
N LYS C 117 -14.33 -15.49 0.47
CA LYS C 117 -14.64 -14.08 0.20
C LYS C 117 -13.48 -13.45 -0.56
N ARG C 118 -13.79 -12.63 -1.57
CA ARG C 118 -12.76 -11.78 -2.20
C ARG C 118 -12.21 -10.82 -1.15
N ASP C 119 -10.96 -11.02 -0.79
CA ASP C 119 -10.33 -10.30 0.30
C ASP C 119 -9.53 -9.15 -0.28
N ASN C 120 -10.16 -7.98 -0.34
CA ASN C 120 -9.54 -6.76 -0.87
C ASN C 120 -9.59 -5.68 0.19
N ILE C 121 -8.91 -4.56 -0.08
CA ILE C 121 -8.75 -3.50 0.92
C ILE C 121 -9.74 -2.35 0.79
N TYR C 122 -9.88 -1.81 -0.43
CA TYR C 122 -10.79 -0.67 -0.71
C TYR C 122 -10.48 0.59 0.09
N ASP C 123 -10.33 1.70 -0.61
CA ASP C 123 -10.15 2.99 0.05
C ASP C 123 -11.47 3.50 0.65
N GLU C 124 -11.38 4.64 1.34
CA GLU C 124 -12.53 5.40 1.85
C GLU C 124 -13.81 5.39 1.00
N ASN C 125 -13.64 5.52 -0.32
CA ASN C 125 -14.77 5.59 -1.26
C ASN C 125 -15.22 4.22 -1.75
N GLY C 126 -14.47 3.18 -1.39
CA GLY C 126 -14.77 1.81 -1.79
C GLY C 126 -14.20 1.37 -3.13
N ASN C 127 -13.18 2.10 -3.60
CA ASN C 127 -12.45 1.71 -4.80
C ASN C 127 -11.29 0.82 -4.45
N ILE C 128 -11.17 -0.31 -5.17
CA ILE C 128 -10.16 -1.33 -4.86
C ILE C 128 -8.74 -0.76 -4.78
N GLN C 129 -8.15 -0.88 -3.61
CA GLN C 129 -6.80 -0.39 -3.35
C GLN C 129 -5.82 -1.52 -3.62
N PHE C 130 -6.07 -2.66 -2.98
CA PHE C 130 -5.28 -3.86 -3.17
C PHE C 130 -6.21 -5.07 -3.26
N LYS C 131 -5.79 -6.05 -4.07
CA LYS C 131 -6.49 -7.31 -4.25
C LYS C 131 -5.73 -8.39 -3.52
N GLY C 132 -6.44 -9.16 -2.69
CA GLY C 132 -5.89 -10.35 -2.07
C GLY C 132 -5.65 -11.35 -3.17
N VAL C 133 -4.51 -12.03 -3.13
CA VAL C 133 -4.07 -12.86 -4.24
C VAL C 133 -4.94 -14.10 -4.42
N CYS C 134 -4.96 -14.96 -3.39
CA CYS C 134 -5.56 -16.27 -3.50
C CYS C 134 -7.08 -16.29 -3.43
N SER C 135 -7.66 -15.47 -2.58
CA SER C 135 -9.11 -15.37 -2.51
C SER C 135 -9.71 -15.02 -3.89
N ASN C 136 -9.12 -14.03 -4.56
CA ASN C 136 -9.56 -13.63 -5.89
C ASN C 136 -9.26 -14.66 -6.97
N TYR C 137 -8.08 -15.24 -6.93
CA TYR C 137 -7.76 -16.38 -7.76
C TYR C 137 -8.84 -17.45 -7.60
N MET C 138 -9.18 -17.77 -6.35
CA MET C 138 -10.16 -18.80 -6.06
C MET C 138 -11.55 -18.43 -6.56
N CYS C 139 -11.94 -17.17 -6.38
CA CYS C 139 -13.25 -16.70 -6.80
C CYS C 139 -13.34 -16.49 -8.30
N ASP C 140 -12.18 -16.46 -8.96
CA ASP C 140 -12.10 -16.35 -10.40
C ASP C 140 -12.03 -17.69 -11.11
N LEU C 141 -12.02 -18.78 -10.35
CA LEU C 141 -11.90 -20.13 -10.90
C LEU C 141 -13.08 -20.50 -11.77
N LYS C 142 -12.77 -21.14 -12.88
CA LYS C 142 -13.75 -21.63 -13.85
C LYS C 142 -13.82 -23.14 -13.76
N PRO C 143 -15.00 -23.73 -14.03
CA PRO C 143 -15.07 -25.19 -14.07
C PRO C 143 -13.95 -25.83 -14.89
N GLY C 144 -13.33 -26.85 -14.30
CA GLY C 144 -12.26 -27.59 -14.96
C GLY C 144 -10.88 -27.02 -14.70
N ASP C 145 -10.81 -25.88 -14.03
CA ASP C 145 -9.54 -25.31 -13.61
C ASP C 145 -8.89 -26.21 -12.56
N GLU C 146 -7.57 -26.13 -12.49
CA GLU C 146 -6.81 -26.97 -11.59
C GLU C 146 -6.29 -26.13 -10.42
N VAL C 147 -6.58 -26.61 -9.21
CA VAL C 147 -6.15 -25.94 -8.00
C VAL C 147 -5.01 -26.73 -7.35
N THR C 148 -3.90 -26.02 -7.10
CA THR C 148 -2.79 -26.56 -6.35
C THR C 148 -3.16 -26.49 -4.86
N MET C 149 -3.34 -27.67 -4.28
CA MET C 149 -3.79 -27.80 -2.93
C MET C 149 -2.74 -28.42 -2.02
N THR C 150 -2.90 -28.07 -0.74
CA THR C 150 -1.96 -28.35 0.31
C THR C 150 -2.81 -28.91 1.45
N GLY C 151 -2.16 -29.57 2.40
CA GLY C 151 -2.84 -30.06 3.58
C GLY C 151 -3.15 -31.55 3.54
N PRO C 152 -4.21 -31.98 4.25
CA PRO C 152 -5.08 -31.14 5.11
C PRO C 152 -4.33 -30.46 6.26
N SER C 153 -4.96 -29.45 6.86
CA SER C 153 -4.30 -28.63 7.87
C SER C 153 -5.18 -28.51 9.12
N GLY C 154 -4.57 -28.68 10.28
CA GLY C 154 -5.27 -28.50 11.55
C GLY C 154 -5.87 -29.78 12.08
N LYS C 155 -5.73 -30.02 13.37
CA LYS C 155 -6.28 -31.22 13.99
C LYS C 155 -6.91 -30.91 15.34
N LYS C 156 -7.30 -29.65 15.52
CA LYS C 156 -7.84 -29.17 16.77
C LYS C 156 -9.34 -28.98 16.62
N PHE C 157 -9.69 -28.08 15.70
CA PHE C 157 -11.03 -27.69 15.37
C PHE C 157 -11.85 -28.83 14.75
N LEU C 158 -12.13 -29.86 15.53
CA LEU C 158 -12.79 -31.06 15.00
C LEU C 158 -14.06 -31.40 15.76
N LEU C 159 -14.97 -32.10 15.08
CA LEU C 159 -16.16 -32.65 15.71
C LEU C 159 -15.78 -33.78 16.65
N PRO C 160 -16.65 -34.12 17.62
CA PRO C 160 -16.35 -35.30 18.41
C PRO C 160 -16.28 -36.51 17.50
N ASN C 161 -15.38 -37.45 17.81
CA ASN C 161 -15.20 -38.65 16.99
C ASN C 161 -15.84 -39.89 17.61
N THR C 162 -16.43 -39.70 18.79
CA THR C 162 -17.27 -40.71 19.41
C THR C 162 -18.62 -40.06 19.72
N ASP C 163 -19.62 -40.89 20.04
CA ASP C 163 -20.97 -40.40 20.35
C ASP C 163 -20.92 -39.25 21.34
N PHE C 164 -21.74 -38.24 21.07
CA PHE C 164 -21.74 -36.98 21.83
C PHE C 164 -23.17 -36.55 22.17
N SER C 165 -23.43 -36.36 23.47
CA SER C 165 -24.74 -35.97 23.96
C SER C 165 -24.75 -34.49 24.33
N GLY C 166 -23.59 -33.87 24.23
CA GLY C 166 -23.43 -32.49 24.63
C GLY C 166 -23.94 -31.54 23.57
N ASP C 167 -24.33 -30.35 24.02
CA ASP C 167 -24.79 -29.33 23.12
C ASP C 167 -23.60 -28.70 22.45
N ILE C 168 -23.80 -28.28 21.21
CA ILE C 168 -22.75 -27.70 20.43
C ILE C 168 -23.20 -26.34 19.92
N MET C 169 -22.38 -25.32 20.18
CA MET C 169 -22.63 -23.99 19.65
C MET C 169 -21.60 -23.67 18.61
N PHE C 170 -22.09 -23.39 17.40
CA PHE C 170 -21.25 -22.96 16.28
C PHE C 170 -21.33 -21.45 16.20
N LEU C 171 -20.17 -20.81 16.30
CA LEU C 171 -20.11 -19.35 16.28
C LEU C 171 -19.31 -18.88 15.09
N ALA C 172 -20.02 -18.30 14.13
CA ALA C 172 -19.44 -18.00 12.82
C ALA C 172 -19.50 -16.52 12.49
N THR C 173 -18.42 -16.01 11.93
CA THR C 173 -18.52 -14.71 11.26
C THR C 173 -18.11 -14.86 9.81
N GLY C 174 -18.97 -14.41 8.91
CA GLY C 174 -18.71 -14.45 7.50
C GLY C 174 -18.40 -15.85 7.01
N THR C 175 -17.26 -15.98 6.33
CA THR C 175 -16.81 -17.24 5.75
C THR C 175 -16.50 -18.27 6.84
N GLY C 176 -16.42 -17.79 8.08
CA GLY C 176 -16.31 -18.65 9.25
C GLY C 176 -17.45 -19.63 9.37
N ILE C 177 -18.54 -19.39 8.62
CA ILE C 177 -19.63 -20.35 8.50
C ILE C 177 -19.15 -21.67 7.91
N ALA C 178 -18.12 -21.57 7.06
CA ALA C 178 -17.60 -22.70 6.29
C ALA C 178 -17.56 -24.04 7.06
N PRO C 179 -16.79 -24.14 8.17
CA PRO C 179 -16.71 -25.48 8.77
C PRO C 179 -18.06 -25.97 9.27
N PHE C 180 -18.92 -25.04 9.65
CA PHE C 180 -20.20 -25.36 10.25
C PHE C 180 -21.24 -25.77 9.23
N ILE C 181 -20.97 -25.55 7.95
CA ILE C 181 -21.81 -26.12 6.91
C ILE C 181 -21.61 -27.61 6.94
N GLY C 182 -20.37 -28.05 6.73
CA GLY C 182 -20.01 -29.45 6.77
C GLY C 182 -20.27 -30.14 8.09
N MET C 183 -20.00 -29.45 9.19
CA MET C 183 -20.22 -29.99 10.54
C MET C 183 -21.68 -30.27 10.82
N SER C 184 -22.54 -29.39 10.36
CA SER C 184 -23.97 -29.48 10.60
C SER C 184 -24.58 -30.62 9.78
N GLU C 185 -24.23 -30.66 8.50
CA GLU C 185 -24.61 -31.76 7.62
C GLU C 185 -24.16 -33.09 8.21
N GLU C 186 -22.93 -33.13 8.69
CA GLU C 186 -22.37 -34.34 9.21
C GLU C 186 -23.05 -34.80 10.49
N LEU C 187 -23.24 -33.88 11.43
CA LEU C 187 -23.92 -34.22 12.68
C LEU C 187 -25.39 -34.58 12.52
N LEU C 188 -26.06 -33.92 11.58
CA LEU C 188 -27.51 -34.10 11.41
C LEU C 188 -27.83 -35.23 10.46
N GLU C 189 -26.94 -35.47 9.48
CA GLU C 189 -27.21 -36.34 8.33
C GLU C 189 -26.41 -37.61 8.31
N HIS C 190 -25.09 -37.45 8.41
CA HIS C 190 -24.13 -38.52 8.15
C HIS C 190 -24.04 -39.49 9.31
N LYS C 191 -24.23 -38.95 10.52
CA LYS C 191 -24.24 -39.76 11.75
C LYS C 191 -23.03 -40.71 11.84
N LEU C 192 -21.85 -40.10 11.72
CA LEU C 192 -20.58 -40.77 11.92
C LEU C 192 -20.43 -41.08 13.40
N ILE C 193 -21.08 -40.26 14.20
CA ILE C 193 -21.20 -40.44 15.64
C ILE C 193 -22.68 -40.29 15.97
N LYS C 194 -23.12 -40.83 17.10
CA LYS C 194 -24.49 -40.55 17.53
C LYS C 194 -24.50 -39.22 18.26
N PHE C 195 -25.08 -38.22 17.62
CA PHE C 195 -25.20 -36.91 18.20
C PHE C 195 -26.61 -36.65 18.72
N THR C 196 -26.71 -36.52 20.04
CA THR C 196 -27.99 -36.36 20.69
C THR C 196 -28.06 -35.03 21.44
N GLY C 197 -27.14 -34.12 21.10
CA GLY C 197 -27.13 -32.78 21.64
C GLY C 197 -27.89 -31.83 20.74
N ASN C 198 -27.89 -30.55 21.10
CA ASN C 198 -28.51 -29.50 20.28
C ASN C 198 -27.43 -28.64 19.67
N ILE C 199 -27.60 -28.31 18.40
CA ILE C 199 -26.72 -27.39 17.73
C ILE C 199 -27.38 -26.03 17.74
N THR C 200 -26.61 -25.03 18.17
CA THR C 200 -26.96 -23.64 17.96
C THR C 200 -25.89 -23.07 17.04
N LEU C 201 -26.30 -22.71 15.83
CA LEU C 201 -25.40 -22.00 14.93
C LEU C 201 -25.72 -20.51 14.99
N VAL C 202 -24.72 -19.74 15.41
CA VAL C 202 -24.83 -18.31 15.50
C VAL C 202 -23.88 -17.76 14.46
N TYR C 203 -24.47 -17.08 13.50
CA TYR C 203 -23.80 -16.73 12.27
C TYR C 203 -23.93 -15.24 12.07
N GLY C 204 -22.79 -14.58 12.02
CA GLY C 204 -22.73 -13.13 11.93
C GLY C 204 -22.19 -12.72 10.58
N ALA C 205 -22.85 -11.73 9.99
CA ALA C 205 -22.39 -11.09 8.78
C ALA C 205 -22.91 -9.66 8.81
N PRO C 206 -22.24 -8.73 8.10
CA PRO C 206 -22.62 -7.33 8.11
C PRO C 206 -24.02 -7.07 7.55
N TYR C 207 -24.35 -7.74 6.45
CA TYR C 207 -25.66 -7.60 5.80
C TYR C 207 -26.31 -8.96 5.59
N SER C 208 -27.64 -8.97 5.55
CA SER C 208 -28.41 -10.20 5.45
C SER C 208 -28.07 -11.00 4.19
N ASP C 209 -27.78 -10.27 3.10
CA ASP C 209 -27.43 -10.88 1.81
C ASP C 209 -25.97 -11.30 1.75
N GLU C 210 -25.23 -11.00 2.81
CA GLU C 210 -23.85 -11.44 2.95
C GLU C 210 -23.70 -12.72 3.77
N LEU C 211 -24.77 -13.10 4.46
CA LEU C 211 -24.97 -14.43 5.02
C LEU C 211 -25.13 -15.40 3.84
N VAL C 212 -24.40 -16.51 3.86
CA VAL C 212 -24.47 -17.46 2.78
C VAL C 212 -25.07 -18.78 3.26
N MET C 213 -25.55 -19.60 2.31
CA MET C 213 -26.06 -20.95 2.58
C MET C 213 -27.27 -20.90 3.46
N MET C 214 -28.05 -19.83 3.34
CA MET C 214 -29.14 -19.56 4.26
C MET C 214 -30.33 -20.46 4.03
N ASP C 215 -30.67 -20.67 2.76
CA ASP C 215 -31.70 -21.62 2.39
C ASP C 215 -31.36 -22.98 3.00
N TYR C 216 -30.09 -23.34 2.90
CA TYR C 216 -29.59 -24.59 3.43
C TYR C 216 -29.66 -24.60 4.96
N LEU C 217 -29.17 -23.54 5.59
CA LEU C 217 -29.12 -23.46 7.06
C LEU C 217 -30.49 -23.41 7.70
N LYS C 218 -31.37 -22.57 7.16
CA LYS C 218 -32.75 -22.49 7.61
C LYS C 218 -33.46 -23.83 7.40
N GLY C 219 -33.14 -24.51 6.30
CA GLY C 219 -33.68 -25.84 6.00
C GLY C 219 -33.25 -26.91 7.01
N LEU C 220 -32.02 -26.82 7.47
CA LEU C 220 -31.53 -27.73 8.50
C LEU C 220 -32.28 -27.49 9.81
N GLU C 221 -32.58 -26.22 10.06
CA GLU C 221 -33.32 -25.81 11.24
C GLU C 221 -34.75 -26.34 11.24
N SER C 222 -35.42 -26.22 10.10
CA SER C 222 -36.81 -26.65 9.98
C SER C 222 -36.95 -28.16 9.85
N LYS C 223 -35.88 -28.83 9.40
CA LYS C 223 -35.89 -30.28 9.28
C LYS C 223 -35.55 -31.01 10.57
N HIS C 224 -35.01 -30.30 11.56
CA HIS C 224 -34.41 -31.00 12.71
C HIS C 224 -34.96 -30.78 14.10
N LYS C 225 -35.00 -29.54 14.57
CA LYS C 225 -35.42 -29.25 15.96
C LYS C 225 -34.23 -29.43 16.89
N ASN C 226 -33.27 -30.21 16.40
CA ASN C 226 -31.93 -30.41 16.95
C ASN C 226 -31.02 -29.21 16.65
N PHE C 227 -31.46 -28.33 15.75
CA PHE C 227 -30.59 -27.33 15.14
C PHE C 227 -31.27 -25.96 15.16
N LYS C 228 -30.63 -25.01 15.84
CA LYS C 228 -31.12 -23.65 15.87
C LYS C 228 -30.16 -22.73 15.12
N LEU C 229 -30.73 -21.95 14.20
CA LEU C 229 -29.98 -20.97 13.42
C LEU C 229 -30.27 -19.58 13.93
N ILE C 230 -29.23 -18.88 14.34
CA ILE C 230 -29.37 -17.51 14.75
C ILE C 230 -28.37 -16.69 13.97
N THR C 231 -28.83 -15.54 13.51
CA THR C 231 -28.00 -14.68 12.71
C THR C 231 -27.85 -13.34 13.40
N ALA C 232 -26.69 -12.75 13.23
CA ALA C 232 -26.43 -11.45 13.78
C ALA C 232 -25.98 -10.61 12.62
N ILE C 233 -26.84 -9.67 12.20
CA ILE C 233 -26.55 -8.81 11.07
C ILE C 233 -26.13 -7.42 11.59
N SER C 234 -24.81 -7.20 11.58
CA SER C 234 -24.22 -6.07 12.27
C SER C 234 -24.58 -4.69 11.74
N ARG C 235 -24.96 -4.60 10.47
CA ARG C 235 -25.26 -3.31 9.88
C ARG C 235 -26.76 -3.12 9.65
N GLU C 236 -27.56 -4.09 10.07
CA GLU C 236 -29.01 -4.02 9.94
C GLU C 236 -29.76 -4.29 11.24
N GLU C 237 -29.06 -4.80 12.25
CA GLU C 237 -29.66 -5.10 13.54
C GLU C 237 -28.89 -4.42 14.66
N LYS C 238 -29.63 -3.88 15.61
CA LYS C 238 -29.06 -3.34 16.82
C LYS C 238 -29.35 -4.33 17.95
N ASN C 239 -28.34 -4.62 18.77
CA ASN C 239 -28.58 -5.49 19.91
C ASN C 239 -29.42 -4.80 20.99
N SER C 240 -30.08 -5.62 21.82
CA SER C 240 -31.03 -5.15 22.83
C SER C 240 -30.35 -4.64 24.10
N PHE C 241 -29.06 -4.92 24.24
CA PHE C 241 -28.31 -4.61 25.47
C PHE C 241 -27.76 -3.18 25.52
N ASP C 242 -27.09 -2.76 24.44
CA ASP C 242 -26.56 -1.42 24.35
C ASP C 242 -26.96 -0.67 23.07
N GLY C 243 -27.76 -1.32 22.23
CA GLY C 243 -28.25 -0.73 20.99
C GLY C 243 -27.20 -0.63 19.90
N GLY C 244 -26.01 -1.15 20.20
CA GLY C 244 -24.93 -1.21 19.23
C GLY C 244 -25.25 -2.19 18.11
N ARG C 245 -24.31 -2.31 17.19
CA ARG C 245 -24.40 -3.29 16.13
C ARG C 245 -24.56 -4.68 16.70
N MET C 246 -25.38 -5.49 16.03
CA MET C 246 -25.61 -6.85 16.46
C MET C 246 -24.45 -7.72 16.00
N TYR C 247 -23.75 -8.31 16.97
CA TYR C 247 -22.69 -9.25 16.69
C TYR C 247 -23.03 -10.59 17.30
N ILE C 248 -22.33 -11.63 16.89
CA ILE C 248 -22.61 -12.96 17.42
C ILE C 248 -22.50 -13.00 18.95
N SER C 249 -21.65 -12.12 19.50
CA SER C 249 -21.48 -12.03 20.95
C SER C 249 -22.77 -11.61 21.65
N HIS C 250 -23.56 -10.77 20.97
CA HIS C 250 -24.85 -10.35 21.53
C HIS C 250 -25.89 -11.45 21.45
N ARG C 251 -25.87 -12.21 20.35
CA ARG C 251 -26.63 -13.45 20.23
C ARG C 251 -26.24 -14.48 21.28
N VAL C 252 -24.92 -14.66 21.49
CA VAL C 252 -24.41 -15.50 22.57
C VAL C 252 -25.04 -15.12 23.93
N ARG C 253 -25.02 -13.81 24.24
CA ARG C 253 -25.66 -13.27 25.43
C ARG C 253 -27.14 -13.58 25.51
N GLU C 254 -27.84 -13.44 24.40
CA GLU C 254 -29.28 -13.76 24.31
C GLU C 254 -29.55 -15.24 24.50
N GLN C 255 -28.55 -16.06 24.14
CA GLN C 255 -28.61 -17.50 24.25
C GLN C 255 -27.88 -17.98 25.49
N ALA C 256 -27.95 -17.19 26.56
CA ALA C 256 -27.27 -17.48 27.80
C ALA C 256 -27.55 -18.91 28.33
N GLU C 257 -28.81 -19.32 28.29
CA GLU C 257 -29.26 -20.60 28.81
C GLU C 257 -28.70 -21.76 28.01
N ALA C 258 -28.62 -21.58 26.69
CA ALA C 258 -28.02 -22.55 25.79
C ALA C 258 -26.50 -22.62 26.01
N VAL C 259 -25.89 -21.46 26.20
CA VAL C 259 -24.47 -21.34 26.52
C VAL C 259 -24.17 -22.04 27.85
N LYS C 260 -25.04 -21.81 28.84
CA LYS C 260 -24.99 -22.47 30.15
C LYS C 260 -25.18 -23.98 30.07
N LYS C 261 -26.05 -24.43 29.16
CA LYS C 261 -26.24 -25.85 28.88
C LYS C 261 -24.93 -26.46 28.39
N ILE C 262 -24.19 -25.71 27.60
CA ILE C 262 -22.90 -26.16 27.08
C ILE C 262 -21.83 -26.15 28.18
N LEU C 263 -21.73 -25.03 28.88
CA LEU C 263 -20.77 -24.84 29.96
C LEU C 263 -20.94 -25.85 31.09
N ASN C 264 -22.18 -26.24 31.36
CA ASN C 264 -22.47 -27.18 32.44
C ASN C 264 -22.66 -28.62 31.99
N GLY C 265 -22.97 -28.83 30.71
CA GLY C 265 -23.31 -30.16 30.21
C GLY C 265 -22.32 -30.82 29.28
N GLY C 266 -21.08 -30.31 29.27
CA GLY C 266 -19.99 -30.92 28.51
C GLY C 266 -20.09 -30.70 27.01
N GLY C 267 -20.80 -29.64 26.62
CA GLY C 267 -20.94 -29.30 25.21
C GLY C 267 -19.70 -28.60 24.68
N ARG C 268 -19.80 -28.13 23.44
CA ARG C 268 -18.68 -27.47 22.79
C ARG C 268 -19.09 -26.15 22.16
N PHE C 269 -18.22 -25.16 22.27
CA PHE C 269 -18.29 -23.94 21.48
C PHE C 269 -17.26 -24.05 20.35
N TYR C 270 -17.68 -23.78 19.12
CA TYR C 270 -16.71 -23.65 18.01
C TYR C 270 -16.85 -22.26 17.48
N ILE C 271 -15.73 -21.55 17.40
CA ILE C 271 -15.70 -20.18 16.92
C ILE C 271 -14.80 -20.10 15.70
N CYS C 272 -15.37 -19.66 14.59
CA CYS C 272 -14.64 -19.58 13.36
C CYS C 272 -14.99 -18.29 12.66
N GLY C 273 -13.96 -17.58 12.18
CA GLY C 273 -14.19 -16.46 11.29
C GLY C 273 -13.25 -15.31 11.52
N GLY C 274 -13.73 -14.12 11.17
CA GLY C 274 -12.91 -12.93 11.29
C GLY C 274 -13.58 -11.82 12.04
N PRO C 275 -12.82 -10.77 12.40
CA PRO C 275 -11.37 -10.73 12.14
C PRO C 275 -10.59 -11.65 13.08
N LYS C 276 -9.28 -11.73 12.88
CA LYS C 276 -8.42 -12.50 13.77
C LYS C 276 -8.57 -12.03 15.22
N GLY C 277 -8.75 -12.97 16.13
CA GLY C 277 -8.94 -12.68 17.54
C GLY C 277 -10.35 -12.23 17.89
N MET C 278 -11.30 -12.47 16.99
CA MET C 278 -12.71 -12.14 17.24
C MET C 278 -13.33 -13.08 18.27
N GLU C 279 -12.66 -14.20 18.51
CA GLU C 279 -13.14 -15.19 19.47
C GLU C 279 -13.11 -14.62 20.88
N LYS C 280 -12.29 -13.61 21.08
CA LYS C 280 -12.10 -13.00 22.39
C LYS C 280 -13.42 -12.46 22.88
N GLY C 281 -14.07 -11.64 22.05
CA GLY C 281 -15.32 -10.99 22.43
C GLY C 281 -16.44 -11.98 22.70
N VAL C 282 -16.41 -13.07 21.94
CA VAL C 282 -17.32 -14.19 22.08
C VAL C 282 -17.05 -14.98 23.37
N ILE C 283 -15.80 -15.37 23.58
CA ILE C 283 -15.41 -16.11 24.79
C ILE C 283 -15.65 -15.28 26.05
N GLU C 284 -15.38 -13.98 26.00
CA GLU C 284 -15.59 -13.16 27.20
C GLU C 284 -17.07 -12.93 27.49
N GLU C 285 -17.91 -13.09 26.47
CA GLU C 285 -19.35 -13.08 26.61
C GLU C 285 -19.81 -14.39 27.22
N ILE C 286 -19.21 -15.49 26.76
CA ILE C 286 -19.41 -16.81 27.34
C ILE C 286 -18.99 -16.81 28.81
N GLN C 287 -17.92 -16.09 29.10
CA GLN C 287 -17.39 -15.94 30.45
C GLN C 287 -18.31 -15.15 31.37
N LYS C 288 -18.78 -13.98 30.92
CA LYS C 288 -19.84 -13.26 31.63
C LYS C 288 -21.01 -14.19 31.98
N ILE C 289 -21.48 -14.97 31.02
CA ILE C 289 -22.56 -15.91 31.22
C ILE C 289 -22.23 -16.98 32.28
N SER C 290 -21.00 -17.51 32.25
CA SER C 290 -20.54 -18.53 33.21
C SER C 290 -20.47 -18.00 34.64
N GLY C 291 -20.30 -16.68 34.72
CA GLY C 291 -20.11 -15.95 35.97
C GLY C 291 -18.67 -16.03 36.43
N ASN C 292 -17.81 -16.60 35.59
CA ASN C 292 -16.41 -16.74 35.97
C ASN C 292 -15.72 -15.38 35.96
N THR C 293 -15.07 -15.05 37.06
CA THR C 293 -14.41 -13.77 37.23
C THR C 293 -12.92 -14.01 37.35
N GLY C 294 -12.42 -15.03 36.63
CA GLY C 294 -11.00 -15.25 36.49
C GLY C 294 -10.52 -14.50 35.26
N THR C 295 -9.23 -14.60 34.96
CA THR C 295 -8.71 -13.94 33.77
C THR C 295 -9.24 -14.61 32.51
N TYR C 296 -9.28 -13.87 31.41
CA TYR C 296 -9.70 -14.38 30.12
C TYR C 296 -8.94 -15.67 29.76
N GLU C 297 -7.62 -15.62 29.89
CA GLU C 297 -6.73 -16.74 29.63
C GLU C 297 -7.07 -17.95 30.51
N GLU C 298 -7.33 -17.71 31.78
CA GLU C 298 -7.76 -18.77 32.70
C GLU C 298 -9.09 -19.41 32.27
N PHE C 299 -10.07 -18.58 31.93
CA PHE C 299 -11.36 -19.08 31.44
C PHE C 299 -11.23 -19.82 30.09
N LYS C 300 -10.42 -19.26 29.20
CA LYS C 300 -10.26 -19.84 27.87
C LYS C 300 -9.44 -21.16 27.89
N HIS C 301 -8.35 -21.18 28.66
CA HIS C 301 -7.55 -22.39 28.76
C HIS C 301 -8.33 -23.52 29.42
N HIS C 302 -9.13 -23.15 30.41
CA HIS C 302 -10.02 -24.09 31.04
C HIS C 302 -11.03 -24.69 30.06
N LEU C 303 -11.68 -23.84 29.30
CA LEU C 303 -12.61 -24.27 28.26
C LEU C 303 -11.90 -25.14 27.20
N GLU C 304 -10.67 -24.77 26.84
CA GLU C 304 -9.87 -25.55 25.91
C GLU C 304 -9.50 -26.93 26.47
N GLY C 305 -8.97 -26.95 27.69
CA GLY C 305 -8.61 -28.18 28.39
C GLY C 305 -9.77 -29.14 28.58
N ALA C 306 -10.97 -28.58 28.81
CA ALA C 306 -12.21 -29.37 28.95
C ALA C 306 -12.81 -29.86 27.61
N HIS C 307 -12.13 -29.53 26.51
CA HIS C 307 -12.65 -29.72 25.14
C HIS C 307 -14.01 -29.10 24.95
N GLN C 308 -14.14 -27.82 25.30
CA GLN C 308 -15.40 -27.14 25.14
C GLN C 308 -15.28 -25.91 24.28
N LEU C 309 -14.06 -25.69 23.78
CA LEU C 309 -13.74 -24.52 22.98
C LEU C 309 -12.75 -24.84 21.89
N PHE C 310 -13.13 -24.48 20.67
CA PHE C 310 -12.35 -24.69 19.49
C PHE C 310 -12.47 -23.40 18.74
N VAL C 311 -11.32 -22.83 18.43
CA VAL C 311 -11.28 -21.55 17.78
C VAL C 311 -10.49 -21.64 16.49
N GLU C 312 -11.06 -21.07 15.43
CA GLU C 312 -10.33 -20.87 14.18
C GLU C 312 -10.64 -19.50 13.63
N THR C 313 -9.89 -18.50 14.08
CA THR C 313 -10.14 -17.16 13.62
C THR C 313 -9.02 -16.66 12.73
N TYR C 314 -9.34 -15.71 11.87
CA TYR C 314 -8.42 -15.27 10.84
C TYR C 314 -9.00 -14.00 10.22
N THR D 8 -29.57 31.48 8.01
CA THR D 8 -30.71 30.59 8.35
C THR D 8 -30.34 29.44 9.29
N ARG D 9 -29.06 29.01 9.23
CA ARG D 9 -28.44 27.97 10.09
C ARG D 9 -28.44 28.30 11.60
N GLU D 10 -29.17 29.34 11.98
CA GLU D 10 -29.17 29.91 13.33
C GLU D 10 -29.28 28.91 14.50
N PRO D 11 -28.28 28.93 15.40
CA PRO D 11 -28.37 28.16 16.63
C PRO D 11 -29.51 28.64 17.54
N GLN D 12 -30.24 27.70 18.11
CA GLN D 12 -31.32 28.01 19.04
C GLN D 12 -30.92 27.46 20.38
N ILE D 13 -31.20 28.22 21.43
CA ILE D 13 -30.85 27.80 22.77
C ILE D 13 -32.07 27.80 23.65
N ASN D 14 -32.06 26.92 24.66
CA ASN D 14 -33.01 26.95 25.76
C ASN D 14 -34.45 26.80 25.31
N LEU D 15 -34.63 26.07 24.21
CA LEU D 15 -35.98 25.71 23.74
C LEU D 15 -36.61 24.78 24.76
N PHE D 16 -35.76 23.98 25.40
CA PHE D 16 -36.17 23.11 26.48
C PHE D 16 -35.39 23.44 27.76
N LYS D 17 -36.16 23.69 28.81
CA LYS D 17 -35.63 24.06 30.12
C LYS D 17 -36.12 23.02 31.10
N LYS D 18 -35.76 23.13 32.37
CA LYS D 18 -36.12 22.06 33.31
C LYS D 18 -37.64 21.98 33.61
N SER D 19 -38.37 23.04 33.22
CA SER D 19 -39.85 23.11 33.32
C SER D 19 -40.59 22.55 32.10
N ASN D 20 -39.93 22.62 30.95
CA ASN D 20 -40.44 22.03 29.70
C ASN D 20 -39.33 21.23 29.04
N PRO D 21 -38.95 20.10 29.66
CA PRO D 21 -37.82 19.36 29.14
C PRO D 21 -38.19 18.60 27.87
N TYR D 22 -37.18 18.16 27.15
CA TYR D 22 -37.38 17.38 25.95
C TYR D 22 -37.14 15.90 26.27
N LYS D 23 -38.02 15.04 25.79
CA LYS D 23 -37.92 13.60 26.05
C LYS D 23 -37.41 12.84 24.83
N ALA D 24 -36.17 12.35 24.95
CA ALA D 24 -35.47 11.64 23.89
C ALA D 24 -35.33 10.19 24.30
N LYS D 25 -35.51 9.26 23.37
CA LYS D 25 -35.38 7.85 23.70
C LYS D 25 -33.99 7.36 23.36
N VAL D 26 -33.48 6.45 24.18
CA VAL D 26 -32.19 5.84 23.93
C VAL D 26 -32.32 4.87 22.76
N ILE D 27 -31.55 5.14 21.72
CA ILE D 27 -31.32 4.18 20.66
C ILE D 27 -30.19 3.25 21.06
N SER D 28 -29.04 3.82 21.40
CA SER D 28 -27.91 3.02 21.83
C SER D 28 -27.05 3.71 22.87
N ASN D 29 -26.30 2.90 23.59
CA ASN D 29 -25.37 3.36 24.60
C ASN D 29 -24.30 2.30 24.67
N VAL D 30 -23.27 2.45 23.86
CA VAL D 30 -22.23 1.45 23.80
C VAL D 30 -20.94 1.99 24.39
N LEU D 31 -20.31 1.15 25.21
CA LEU D 31 -18.99 1.42 25.72
C LEU D 31 -17.99 1.45 24.57
N LEU D 32 -17.23 2.55 24.49
CA LEU D 32 -16.22 2.72 23.46
C LEU D 32 -14.82 2.32 23.92
N THR D 33 -14.59 2.42 25.21
CA THR D 33 -13.27 2.13 25.77
C THR D 33 -13.24 0.72 26.35
N PRO D 34 -12.04 0.19 26.63
CA PRO D 34 -11.99 -1.17 27.13
C PRO D 34 -12.75 -1.36 28.44
N GLU D 35 -13.45 -2.48 28.56
CA GLU D 35 -14.08 -2.85 29.82
C GLU D 35 -13.06 -2.83 30.96
N THR D 36 -13.51 -2.37 32.12
CA THR D 36 -12.70 -2.22 33.31
C THR D 36 -11.71 -3.39 33.54
N GLY D 37 -10.43 -3.05 33.76
CA GLY D 37 -9.38 -4.04 34.02
C GLY D 37 -8.72 -4.56 32.75
N THR D 38 -9.47 -4.43 31.65
CA THR D 38 -8.96 -4.69 30.32
C THR D 38 -8.42 -3.34 29.84
N GLY D 39 -7.56 -3.36 28.85
CA GLY D 39 -7.03 -2.09 28.35
C GLY D 39 -5.84 -1.59 29.14
N LYS D 40 -5.31 -0.45 28.71
CA LYS D 40 -4.02 0.03 29.17
C LYS D 40 -3.98 0.58 30.61
N ARG D 41 -5.02 1.31 31.00
CA ARG D 41 -5.10 1.88 32.35
C ARG D 41 -5.16 0.78 33.41
N PRO D 42 -4.23 0.88 34.33
CA PRO D 42 -3.85 -0.18 35.23
C PRO D 42 -4.98 -0.59 36.16
N LYS D 43 -5.47 0.25 37.03
CA LYS D 43 -6.58 -0.30 37.76
C LYS D 43 -7.18 0.43 38.86
N LYS D 44 -6.37 0.93 39.79
CA LYS D 44 -5.17 1.68 39.43
C LYS D 44 -4.92 1.64 37.93
N GLU D 45 -5.16 2.75 37.25
CA GLU D 45 -5.43 4.02 37.94
C GLU D 45 -6.68 4.69 37.37
N GLY D 46 -7.84 4.21 37.80
CA GLY D 46 -8.26 2.85 37.52
C GLY D 46 -9.16 2.75 36.30
N GLU D 47 -10.21 3.56 36.29
CA GLU D 47 -11.31 3.41 35.32
C GLU D 47 -11.61 4.51 34.28
N ALA D 48 -11.53 4.20 33.02
CA ALA D 48 -11.91 5.15 31.99
C ALA D 48 -12.95 4.65 31.05
N LEU D 49 -14.18 4.88 31.37
CA LEU D 49 -15.30 4.20 30.73
C LEU D 49 -16.13 5.23 29.96
N VAL D 50 -15.98 5.21 28.64
CA VAL D 50 -16.55 6.21 27.76
C VAL D 50 -17.60 5.60 26.83
N HIS D 51 -18.81 6.15 26.88
CA HIS D 51 -19.92 5.64 26.10
C HIS D 51 -20.31 6.60 24.97
N ARG D 52 -20.66 6.03 23.82
CA ARG D 52 -21.34 6.76 22.78
C ARG D 52 -22.81 6.50 23.03
N ILE D 53 -23.57 7.57 23.23
CA ILE D 53 -24.98 7.45 23.51
C ILE D 53 -25.73 8.10 22.37
N VAL D 54 -26.55 7.30 21.71
CA VAL D 54 -27.37 7.76 20.58
C VAL D 54 -28.82 7.82 21.07
N LEU D 55 -29.40 9.02 21.00
CA LEU D 55 -30.77 9.21 21.41
C LEU D 55 -31.60 9.61 20.21
N ALA D 56 -32.75 8.97 20.03
CA ALA D 56 -33.67 9.35 18.98
C ALA D 56 -34.36 10.64 19.41
N ILE D 57 -34.31 11.62 18.52
CA ILE D 57 -34.95 12.91 18.72
C ILE D 57 -35.79 13.32 17.52
N ASP D 58 -36.43 14.47 17.67
CA ASP D 58 -37.16 15.11 16.61
C ASP D 58 -36.38 16.40 16.39
N HIS D 59 -35.67 16.47 15.26
CA HIS D 59 -34.81 17.61 14.94
C HIS D 59 -35.60 18.90 14.76
N SER D 60 -36.91 18.77 14.54
CA SER D 60 -37.82 19.93 14.50
C SER D 60 -38.06 20.47 15.93
N ALA D 61 -38.20 19.56 16.88
CA ALA D 61 -38.30 19.93 18.28
C ALA D 61 -36.94 20.33 18.85
N TYR D 62 -35.89 19.70 18.34
CA TYR D 62 -34.54 19.92 18.87
C TYR D 62 -33.56 20.22 17.75
N PRO D 63 -33.64 21.44 17.20
CA PRO D 63 -32.89 21.80 16.01
C PRO D 63 -31.52 22.29 16.40
N TYR D 64 -30.78 21.41 17.06
CA TYR D 64 -29.46 21.74 17.57
C TYR D 64 -28.52 22.00 16.40
N VAL D 65 -27.44 22.69 16.72
CA VAL D 65 -26.38 22.98 15.78
C VAL D 65 -25.14 22.36 16.43
N ILE D 66 -24.20 21.88 15.61
CA ILE D 66 -22.98 21.27 16.17
C ILE D 66 -22.14 22.33 16.92
N GLY D 67 -21.58 21.94 18.05
CA GLY D 67 -20.90 22.88 18.95
C GLY D 67 -21.77 23.18 20.15
N GLN D 68 -23.06 22.87 20.02
CA GLN D 68 -23.98 23.03 21.14
C GLN D 68 -23.90 21.86 22.09
N SER D 69 -24.38 22.08 23.31
CA SER D 69 -24.50 21.01 24.28
C SER D 69 -25.96 20.65 24.40
N GLY D 70 -26.20 19.39 24.74
CA GLY D 70 -27.51 18.96 25.21
C GLY D 70 -27.44 18.87 26.71
N GLY D 71 -28.51 19.31 27.36
CA GLY D 71 -28.62 19.23 28.81
C GLY D 71 -29.35 17.96 29.18
N VAL D 72 -28.93 17.34 30.26
CA VAL D 72 -29.58 16.14 30.77
C VAL D 72 -29.89 16.33 32.23
N ILE D 73 -31.16 16.15 32.59
CA ILE D 73 -31.54 16.07 33.97
C ILE D 73 -31.55 14.59 34.35
N PRO D 74 -30.60 14.16 35.21
CA PRO D 74 -30.69 12.80 35.72
C PRO D 74 -31.89 12.67 36.64
N PRO D 75 -32.56 11.50 36.64
CA PRO D 75 -33.80 11.35 37.40
C PRO D 75 -33.58 11.39 38.91
N GLY D 76 -34.64 11.71 39.65
CA GLY D 76 -34.62 11.61 41.11
C GLY D 76 -34.30 12.88 41.88
N GLU D 77 -34.16 12.71 43.20
CA GLU D 77 -33.94 13.81 44.14
C GLU D 77 -32.46 13.94 44.46
N ASP D 78 -31.90 15.13 44.21
CA ASP D 78 -30.55 15.45 44.66
C ASP D 78 -30.56 15.61 46.19
N PRO D 79 -29.87 14.69 46.91
CA PRO D 79 -29.89 14.71 48.38
C PRO D 79 -29.24 15.98 48.93
N GLU D 80 -28.26 16.50 48.19
CA GLU D 80 -27.63 17.79 48.50
C GLU D 80 -28.67 18.91 48.56
N LYS D 81 -29.63 18.85 47.63
CA LYS D 81 -30.68 19.86 47.53
C LYS D 81 -31.80 19.62 48.54
N LYS D 82 -32.17 18.34 48.70
CA LYS D 82 -33.15 17.91 49.70
C LYS D 82 -32.69 18.21 51.13
N ALA D 83 -31.38 18.07 51.38
CA ALA D 83 -30.80 18.37 52.70
C ALA D 83 -30.91 19.85 53.05
N LYS D 84 -30.71 20.71 52.05
CA LYS D 84 -30.86 22.16 52.22
C LYS D 84 -32.32 22.57 52.35
N GLY D 85 -33.25 21.69 51.94
CA GLY D 85 -34.68 22.00 51.92
C GLY D 85 -35.00 23.02 50.84
N LEU D 86 -34.69 22.66 49.59
CA LEU D 86 -34.69 23.63 48.49
C LEU D 86 -36.02 23.84 47.77
N ALA D 87 -36.80 22.77 47.60
CA ALA D 87 -38.10 22.80 46.89
C ALA D 87 -37.94 22.45 45.42
N ASP D 88 -36.88 22.95 44.79
CA ASP D 88 -36.47 22.44 43.47
C ASP D 88 -36.09 20.96 43.62
N VAL D 89 -34.94 20.70 44.26
CA VAL D 89 -34.55 19.33 44.68
C VAL D 89 -34.04 18.42 43.54
N GLY D 90 -34.65 18.50 42.37
CA GLY D 90 -34.19 17.73 41.20
C GLY D 90 -32.76 18.07 40.80
N TYR D 91 -32.04 17.07 40.25
CA TYR D 91 -30.65 17.24 39.87
C TYR D 91 -30.47 18.34 38.85
N THR D 92 -29.45 19.17 39.05
CA THR D 92 -29.13 20.22 38.10
C THR D 92 -28.76 19.56 36.77
N VAL D 93 -29.01 20.28 35.70
CA VAL D 93 -28.67 19.84 34.36
C VAL D 93 -27.17 19.63 34.24
N ARG D 94 -26.79 18.50 33.66
CA ARG D 94 -25.46 18.31 33.15
C ARG D 94 -25.50 18.51 31.65
N LEU D 95 -24.53 19.25 31.15
CA LEU D 95 -24.39 19.53 29.73
C LEU D 95 -23.48 18.51 29.11
N TYR D 96 -23.82 18.06 27.91
CA TYR D 96 -22.92 17.17 27.16
C TYR D 96 -22.79 17.66 25.76
N SER D 97 -21.56 17.84 25.30
CA SER D 97 -21.30 18.24 23.94
C SER D 97 -22.02 17.31 22.98
N ILE D 98 -22.83 17.87 22.10
CA ILE D 98 -23.45 17.07 21.05
C ILE D 98 -22.33 16.57 20.13
N ALA D 99 -22.30 15.27 19.89
CA ALA D 99 -21.24 14.68 19.05
C ALA D 99 -21.67 14.50 17.60
N SER D 100 -22.98 14.56 17.37
CA SER D 100 -23.58 14.29 16.07
C SER D 100 -23.72 15.56 15.24
N PRO D 101 -23.61 15.45 13.90
CA PRO D 101 -23.82 16.61 13.04
C PRO D 101 -25.28 17.12 13.10
N SER D 102 -25.47 18.36 12.66
CA SER D 102 -26.75 19.07 12.80
C SER D 102 -28.00 18.33 12.31
N TYR D 103 -27.92 17.65 11.18
CA TYR D 103 -29.08 17.06 10.46
C TYR D 103 -29.38 17.80 9.17
N PHE D 105 -27.89 17.96 6.12
CA PHE D 105 -29.10 18.35 5.38
C PHE D 105 -30.35 17.68 5.95
N GLY D 106 -30.16 16.53 6.59
CA GLY D 106 -31.28 15.66 6.92
C GLY D 106 -30.98 14.23 6.51
N MET D 107 -30.58 13.45 7.51
CA MET D 107 -29.90 12.17 7.32
C MET D 107 -30.80 10.93 7.52
N LYS D 108 -30.16 9.77 7.68
CA LYS D 108 -30.88 8.50 7.75
C LYS D 108 -31.51 8.27 9.13
N GLU D 109 -30.86 8.78 10.17
CA GLU D 109 -31.42 8.69 11.52
C GLU D 109 -31.56 10.08 12.13
N ASP D 110 -32.70 10.33 12.76
CA ASP D 110 -32.91 11.61 13.43
C ASP D 110 -32.63 11.43 14.91
N ASN D 111 -31.40 11.76 15.28
CA ASN D 111 -30.98 11.56 16.64
C ASN D 111 -29.97 12.59 17.12
N ILE D 112 -29.54 12.39 18.37
CA ILE D 112 -28.52 13.22 18.98
C ILE D 112 -27.50 12.29 19.66
N GLU D 113 -26.21 12.60 19.52
CA GLU D 113 -25.18 11.72 20.10
C GLU D 113 -24.37 12.43 21.12
N PHE D 114 -24.01 11.70 22.19
CA PHE D 114 -23.08 12.18 23.20
C PHE D 114 -21.96 11.20 23.44
N ILE D 115 -20.78 11.73 23.74
CA ILE D 115 -19.63 10.93 24.15
C ILE D 115 -19.41 11.22 25.62
N ILE D 116 -19.83 10.29 26.46
CA ILE D 116 -19.85 10.50 27.91
C ILE D 116 -18.95 9.51 28.64
N LYS D 117 -18.12 10.04 29.54
CA LYS D 117 -17.24 9.25 30.35
C LYS D 117 -17.85 9.14 31.72
N ARG D 118 -17.84 7.94 32.28
CA ARG D 118 -18.19 7.76 33.68
C ARG D 118 -17.23 8.60 34.50
N ASP D 119 -17.78 9.65 35.11
CA ASP D 119 -17.04 10.62 35.89
C ASP D 119 -17.03 10.14 37.34
N ASN D 120 -15.98 9.43 37.71
CA ASN D 120 -15.80 8.96 39.07
C ASN D 120 -14.44 9.39 39.63
N ILE D 121 -14.32 9.32 40.96
CA ILE D 121 -13.09 9.72 41.61
C ILE D 121 -12.06 8.58 41.72
N TYR D 122 -12.49 7.44 42.29
CA TYR D 122 -11.61 6.26 42.52
C TYR D 122 -10.51 6.52 43.53
N ASP D 123 -10.44 5.65 44.54
CA ASP D 123 -9.42 5.74 45.58
C ASP D 123 -8.23 4.80 45.34
N GLU D 124 -7.05 5.41 45.17
CA GLU D 124 -5.72 4.79 45.40
C GLU D 124 -5.51 3.37 44.86
N ASN D 125 -6.38 2.45 45.30
CA ASN D 125 -6.42 1.08 44.82
C ASN D 125 -7.23 0.95 43.54
N GLY D 126 -7.98 2.00 43.23
CA GLY D 126 -8.78 2.03 42.02
C GLY D 126 -10.22 1.64 42.19
N ASN D 127 -10.70 1.70 43.43
CA ASN D 127 -12.09 1.42 43.75
C ASN D 127 -12.87 2.72 43.79
N ILE D 128 -14.12 2.69 43.35
CA ILE D 128 -14.94 3.90 43.36
C ILE D 128 -15.00 4.53 44.76
N GLN D 129 -14.75 5.83 44.79
CA GLN D 129 -14.96 6.67 45.97
C GLN D 129 -16.29 7.39 45.76
N PHE D 130 -16.34 8.15 44.67
CA PHE D 130 -17.48 9.01 44.39
C PHE D 130 -17.89 8.80 42.95
N LYS D 131 -19.19 8.63 42.76
CA LYS D 131 -19.75 8.41 41.44
C LYS D 131 -20.46 9.67 41.04
N GLY D 132 -20.20 10.09 39.80
CA GLY D 132 -20.90 11.20 39.20
C GLY D 132 -22.30 10.73 38.86
N VAL D 133 -23.28 11.55 39.21
CA VAL D 133 -24.67 11.17 39.03
C VAL D 133 -25.05 10.98 37.56
N CYS D 134 -24.88 12.03 36.75
CA CYS D 134 -25.37 12.02 35.37
C CYS D 134 -24.55 11.19 34.42
N SER D 135 -23.23 11.28 34.52
CA SER D 135 -22.37 10.53 33.61
C SER D 135 -22.70 9.06 33.70
N ASN D 136 -22.71 8.54 34.92
CA ASN D 136 -23.06 7.15 35.15
C ASN D 136 -24.48 6.80 34.79
N TYR D 137 -25.42 7.70 35.07
CA TYR D 137 -26.80 7.53 34.62
C TYR D 137 -26.84 7.41 33.09
N MET D 138 -26.13 8.30 32.41
CA MET D 138 -26.07 8.25 30.96
C MET D 138 -25.50 6.92 30.47
N CYS D 139 -24.44 6.46 31.13
CA CYS D 139 -23.72 5.28 30.73
C CYS D 139 -24.44 3.96 31.09
N ASP D 140 -25.41 4.07 31.99
CA ASP D 140 -26.22 2.93 32.41
C ASP D 140 -27.48 2.81 31.60
N LEU D 141 -27.68 3.75 30.68
CA LEU D 141 -28.88 3.84 29.86
C LEU D 141 -28.99 2.60 29.01
N LYS D 142 -30.21 2.11 28.90
CA LYS D 142 -30.49 0.96 28.08
C LYS D 142 -31.38 1.42 26.92
N PRO D 143 -31.38 0.70 25.78
CA PRO D 143 -32.27 1.04 24.67
C PRO D 143 -33.72 1.19 25.11
N GLY D 144 -34.38 2.23 24.61
CA GLY D 144 -35.78 2.49 24.94
C GLY D 144 -35.99 3.32 26.19
N ASP D 145 -34.90 3.61 26.92
CA ASP D 145 -34.97 4.48 28.09
C ASP D 145 -35.22 5.91 27.62
N GLU D 146 -35.87 6.69 28.49
CA GLU D 146 -36.13 8.07 28.19
C GLU D 146 -35.14 8.93 28.92
N VAL D 147 -34.49 9.79 28.16
CA VAL D 147 -33.62 10.81 28.70
C VAL D 147 -34.38 12.15 28.72
N THR D 148 -34.40 12.78 29.89
CA THR D 148 -34.98 14.11 30.02
C THR D 148 -33.93 15.13 29.62
N MET D 149 -34.26 15.95 28.64
CA MET D 149 -33.29 16.83 28.04
C MET D 149 -33.64 18.29 28.15
N THR D 150 -32.63 19.10 27.94
CA THR D 150 -32.71 20.53 28.15
C THR D 150 -31.89 21.09 27.02
N GLY D 151 -32.17 22.33 26.62
CA GLY D 151 -31.36 23.00 25.63
C GLY D 151 -32.10 23.16 24.30
N PRO D 152 -31.35 23.30 23.19
CA PRO D 152 -29.87 23.20 23.13
C PRO D 152 -29.19 24.31 23.92
N SER D 153 -27.91 24.12 24.23
CA SER D 153 -27.19 25.07 25.08
C SER D 153 -25.90 25.49 24.41
N GLY D 154 -25.68 26.81 24.35
CA GLY D 154 -24.47 27.39 23.79
C GLY D 154 -24.71 27.98 22.42
N LYS D 155 -24.24 29.20 22.19
CA LYS D 155 -24.33 29.86 20.89
C LYS D 155 -23.03 30.54 20.46
N LYS D 156 -21.93 30.09 21.06
CA LYS D 156 -20.60 30.66 20.81
C LYS D 156 -19.70 29.64 20.09
N PHE D 157 -19.67 28.43 20.65
CA PHE D 157 -18.84 27.33 20.17
C PHE D 157 -19.45 26.73 18.90
N LEU D 158 -19.34 27.45 17.79
CA LEU D 158 -20.04 27.06 16.57
C LEU D 158 -19.12 27.07 15.38
N LEU D 159 -19.46 26.23 14.41
CA LEU D 159 -18.83 26.23 13.11
C LEU D 159 -19.28 27.47 12.36
N PRO D 160 -18.46 27.92 11.37
CA PRO D 160 -18.91 28.98 10.48
C PRO D 160 -20.25 28.63 9.80
N ASN D 161 -21.16 29.59 9.72
CA ASN D 161 -22.47 29.38 9.11
C ASN D 161 -22.49 29.72 7.61
N THR D 162 -21.34 30.18 7.13
CA THR D 162 -21.15 30.43 5.70
C THR D 162 -19.82 29.78 5.28
N ASP D 163 -19.61 29.69 3.96
CA ASP D 163 -18.36 29.22 3.34
C ASP D 163 -17.12 29.68 4.09
N PHE D 164 -16.21 28.75 4.30
CA PHE D 164 -15.04 29.06 5.12
C PHE D 164 -13.78 28.56 4.44
N SER D 165 -12.82 29.47 4.29
CA SER D 165 -11.59 29.18 3.57
C SER D 165 -10.40 29.04 4.50
N GLY D 166 -10.58 29.50 5.74
CA GLY D 166 -9.53 29.42 6.75
C GLY D 166 -9.38 28.02 7.34
N ASP D 167 -8.26 27.81 8.01
CA ASP D 167 -7.99 26.53 8.62
C ASP D 167 -8.65 26.46 9.95
N ILE D 168 -8.84 25.22 10.40
CA ILE D 168 -9.52 24.98 11.65
C ILE D 168 -8.74 23.96 12.45
N MET D 169 -8.46 24.31 13.70
CA MET D 169 -7.82 23.37 14.59
C MET D 169 -8.78 22.98 15.68
N PHE D 170 -9.01 21.69 15.79
CA PHE D 170 -9.82 21.16 16.85
C PHE D 170 -8.86 20.64 17.91
N LEU D 171 -9.06 21.08 19.14
CA LEU D 171 -8.20 20.66 20.23
C LEU D 171 -9.05 20.02 21.31
N ALA D 172 -8.84 18.72 21.48
CA ALA D 172 -9.70 17.91 22.31
C ALA D 172 -8.94 17.19 23.39
N THR D 173 -9.55 17.06 24.56
CA THR D 173 -9.09 16.12 25.55
C THR D 173 -10.24 15.23 25.91
N GLY D 174 -9.99 13.94 25.94
CA GLY D 174 -11.01 12.98 26.29
C GLY D 174 -12.29 13.19 25.51
N THR D 175 -13.37 13.40 26.25
CA THR D 175 -14.71 13.53 25.69
C THR D 175 -14.90 14.82 24.88
N GLY D 176 -13.96 15.75 25.02
CA GLY D 176 -13.98 16.98 24.25
C GLY D 176 -13.82 16.77 22.75
N ILE D 177 -13.58 15.51 22.37
CA ILE D 177 -13.59 15.12 20.97
C ILE D 177 -15.02 15.25 20.42
N ALA D 178 -16.01 15.11 21.30
CA ALA D 178 -17.44 15.08 20.94
C ALA D 178 -17.88 16.06 19.85
N PRO D 179 -17.69 17.40 20.05
CA PRO D 179 -18.18 18.31 19.00
C PRO D 179 -17.42 18.14 17.69
N PHE D 180 -16.16 17.72 17.80
CA PHE D 180 -15.27 17.66 16.65
C PHE D 180 -15.55 16.42 15.81
N ILE D 181 -16.30 15.48 16.36
CA ILE D 181 -16.79 14.35 15.58
C ILE D 181 -17.87 14.85 14.61
N GLY D 182 -18.85 15.58 15.12
CA GLY D 182 -19.90 16.18 14.30
C GLY D 182 -19.41 17.32 13.45
N MET D 183 -18.48 18.11 13.98
CA MET D 183 -17.89 19.25 13.22
C MET D 183 -17.12 18.77 12.01
N SER D 184 -16.29 17.75 12.21
CA SER D 184 -15.55 17.13 11.11
C SER D 184 -16.44 16.42 10.07
N GLU D 185 -17.47 15.70 10.53
CA GLU D 185 -18.45 15.14 9.62
C GLU D 185 -19.11 16.24 8.79
N GLU D 186 -19.56 17.29 9.45
CA GLU D 186 -20.19 18.41 8.76
C GLU D 186 -19.28 19.10 7.75
N LEU D 187 -18.07 19.45 8.17
CA LEU D 187 -17.17 20.18 7.29
C LEU D 187 -16.69 19.34 6.12
N LEU D 188 -16.49 18.03 6.37
CA LEU D 188 -15.85 17.17 5.36
C LEU D 188 -16.80 16.33 4.54
N GLU D 189 -17.89 15.88 5.16
CA GLU D 189 -18.81 14.95 4.52
C GLU D 189 -20.11 15.62 4.15
N HIS D 190 -20.73 16.28 5.11
CA HIS D 190 -22.06 16.87 4.92
C HIS D 190 -22.01 18.15 4.10
N LYS D 191 -20.94 18.93 4.30
CA LYS D 191 -20.64 20.09 3.46
C LYS D 191 -21.84 21.03 3.34
N LEU D 192 -22.32 21.51 4.47
CA LEU D 192 -23.43 22.47 4.55
C LEU D 192 -22.91 23.83 4.17
N ILE D 193 -21.63 24.04 4.42
CA ILE D 193 -20.91 25.22 3.93
C ILE D 193 -19.79 24.69 3.03
N LYS D 194 -19.28 25.56 2.15
CA LYS D 194 -18.05 25.24 1.46
C LYS D 194 -16.88 25.49 2.40
N PHE D 195 -16.31 24.42 2.93
CA PHE D 195 -15.12 24.53 3.75
C PHE D 195 -13.91 24.12 2.92
N THR D 196 -13.04 25.08 2.63
CA THR D 196 -11.91 24.87 1.73
C THR D 196 -10.58 24.97 2.48
N GLY D 197 -10.67 25.01 3.80
CA GLY D 197 -9.48 25.06 4.65
C GLY D 197 -9.01 23.70 5.14
N ASN D 198 -7.92 23.69 5.89
CA ASN D 198 -7.38 22.46 6.49
C ASN D 198 -7.88 22.27 7.92
N ILE D 199 -8.28 21.05 8.27
CA ILE D 199 -8.57 20.72 9.66
C ILE D 199 -7.41 19.98 10.30
N THR D 200 -7.01 20.47 11.47
CA THR D 200 -6.11 19.73 12.33
C THR D 200 -6.85 19.33 13.58
N LEU D 201 -7.06 18.04 13.75
CA LEU D 201 -7.61 17.53 14.99
C LEU D 201 -6.48 17.04 15.87
N VAL D 202 -6.29 17.74 16.97
CA VAL D 202 -5.32 17.41 17.99
C VAL D 202 -6.09 16.83 19.14
N TYR D 203 -5.91 15.53 19.37
CA TYR D 203 -6.80 14.82 20.27
C TYR D 203 -6.03 14.14 21.39
N GLY D 204 -6.27 14.58 22.62
CA GLY D 204 -5.55 14.10 23.80
C GLY D 204 -6.34 13.13 24.65
N ALA D 205 -5.65 12.06 25.07
CA ALA D 205 -6.18 11.12 26.05
C ALA D 205 -5.01 10.51 26.79
N PRO D 206 -5.25 10.02 28.03
CA PRO D 206 -4.20 9.38 28.83
C PRO D 206 -3.60 8.14 28.18
N TYR D 207 -4.45 7.25 27.69
CA TYR D 207 -4.02 6.02 27.01
C TYR D 207 -4.63 5.95 25.62
N SER D 208 -3.98 5.23 24.71
CA SER D 208 -4.41 5.17 23.31
C SER D 208 -5.79 4.53 23.11
N ASP D 209 -6.12 3.59 23.98
CA ASP D 209 -7.41 2.91 23.93
C ASP D 209 -8.50 3.72 24.62
N GLU D 210 -8.10 4.86 25.19
CA GLU D 210 -9.04 5.83 25.77
C GLU D 210 -9.34 6.97 24.78
N LEU D 211 -8.60 6.98 23.67
CA LEU D 211 -9.00 7.67 22.45
C LEU D 211 -10.22 6.93 21.90
N VAL D 212 -11.26 7.69 21.56
CA VAL D 212 -12.49 7.11 21.00
C VAL D 212 -12.78 7.65 19.59
N MET D 213 -13.59 6.89 18.84
CA MET D 213 -14.01 7.25 17.49
C MET D 213 -12.82 7.29 16.52
N MET D 214 -11.79 6.51 16.83
CA MET D 214 -10.52 6.62 16.12
C MET D 214 -10.57 6.02 14.75
N ASP D 215 -11.31 4.92 14.59
CA ASP D 215 -11.55 4.32 13.28
C ASP D 215 -12.24 5.33 12.35
N TYR D 216 -13.19 6.07 12.91
CA TYR D 216 -13.88 7.11 12.17
C TYR D 216 -12.96 8.30 11.89
N LEU D 217 -12.16 8.65 12.89
CA LEU D 217 -11.26 9.81 12.80
C LEU D 217 -10.08 9.56 11.85
N LYS D 218 -9.55 8.34 11.89
CA LYS D 218 -8.51 7.91 10.96
C LYS D 218 -9.05 7.70 9.56
N GLY D 219 -10.31 7.26 9.47
CA GLY D 219 -11.00 7.13 8.19
C GLY D 219 -11.20 8.48 7.50
N LEU D 220 -11.51 9.51 8.28
CA LEU D 220 -11.58 10.87 7.79
C LEU D 220 -10.24 11.36 7.27
N GLU D 221 -9.17 10.98 7.96
CA GLU D 221 -7.82 11.37 7.59
C GLU D 221 -7.42 10.74 6.27
N SER D 222 -7.73 9.45 6.10
CA SER D 222 -7.40 8.71 4.88
C SER D 222 -8.17 9.24 3.67
N LYS D 223 -9.39 9.70 3.94
CA LYS D 223 -10.31 10.16 2.93
C LYS D 223 -10.09 11.60 2.51
N HIS D 224 -9.63 12.44 3.45
CA HIS D 224 -9.66 13.88 3.22
C HIS D 224 -8.38 14.63 2.85
N LYS D 225 -7.26 14.35 3.49
CA LYS D 225 -5.97 14.99 3.10
C LYS D 225 -6.04 16.45 3.54
N ASN D 226 -7.28 16.92 3.58
CA ASN D 226 -7.78 18.14 4.16
C ASN D 226 -7.91 18.06 5.70
N PHE D 227 -7.76 16.85 6.24
CA PHE D 227 -7.98 16.57 7.63
C PHE D 227 -6.76 15.87 8.22
N LYS D 228 -6.19 16.46 9.25
CA LYS D 228 -5.00 15.92 9.90
C LYS D 228 -5.39 15.55 11.30
N LEU D 229 -5.13 14.29 11.68
CA LEU D 229 -5.38 13.81 13.02
C LEU D 229 -4.09 13.59 13.78
N ILE D 230 -3.96 14.34 14.88
CA ILE D 230 -2.80 14.23 15.75
C ILE D 230 -3.29 13.81 17.11
N THR D 231 -2.63 12.84 17.72
CA THR D 231 -3.00 12.46 19.09
C THR D 231 -1.90 12.81 20.04
N ALA D 232 -2.29 13.02 21.30
CA ALA D 232 -1.36 13.24 22.38
C ALA D 232 -1.78 12.28 23.46
N ILE D 233 -0.98 11.24 23.66
CA ILE D 233 -1.29 10.22 24.67
C ILE D 233 -0.40 10.41 25.90
N SER D 234 -0.95 11.04 26.93
CA SER D 234 -0.15 11.58 28.03
C SER D 234 0.59 10.56 28.89
N ARG D 235 0.04 9.36 29.05
CA ARG D 235 0.64 8.35 29.91
C ARG D 235 1.41 7.31 29.10
N GLU D 236 1.51 7.55 27.79
CA GLU D 236 2.24 6.68 26.86
C GLU D 236 3.27 7.45 26.04
N GLU D 237 3.12 8.76 25.95
CA GLU D 237 4.05 9.58 25.19
C GLU D 237 4.63 10.67 26.06
N LYS D 238 5.87 11.03 25.75
CA LYS D 238 6.56 12.15 26.32
C LYS D 238 6.83 13.12 25.19
N ASN D 239 6.65 14.41 25.46
CA ASN D 239 6.92 15.43 24.47
C ASN D 239 8.43 15.63 24.24
N SER D 240 8.79 16.13 23.06
CA SER D 240 10.21 16.25 22.69
C SER D 240 10.87 17.48 23.32
N PHE D 241 10.03 18.38 23.83
CA PHE D 241 10.50 19.64 24.38
C PHE D 241 11.12 19.54 25.77
N ASP D 242 10.35 19.03 26.72
CA ASP D 242 10.85 18.82 28.06
C ASP D 242 10.86 17.36 28.55
N GLY D 243 10.38 16.45 27.70
CA GLY D 243 10.32 15.03 28.03
C GLY D 243 9.23 14.68 29.02
N GLY D 244 8.40 15.66 29.36
CA GLY D 244 7.25 15.43 30.24
C GLY D 244 6.14 14.74 29.47
N ARG D 245 5.03 14.48 30.15
CA ARG D 245 3.86 13.89 29.52
C ARG D 245 3.42 14.66 28.30
N MET D 246 3.03 13.92 27.26
CA MET D 246 2.55 14.53 26.01
C MET D 246 1.10 15.00 26.11
N TYR D 247 0.89 16.31 25.96
CA TYR D 247 -0.43 16.91 25.95
C TYR D 247 -0.67 17.57 24.62
N ILE D 248 -1.92 17.93 24.36
CA ILE D 248 -2.28 18.55 23.10
C ILE D 248 -1.56 19.88 22.93
N SER D 249 -1.20 20.51 24.04
CA SER D 249 -0.46 21.79 24.00
C SER D 249 0.92 21.57 23.35
N HIS D 250 1.52 20.41 23.59
CA HIS D 250 2.82 20.05 22.99
C HIS D 250 2.71 19.77 21.50
N ARG D 251 1.54 19.26 21.10
CA ARG D 251 1.22 19.02 19.71
C ARG D 251 1.00 20.35 18.98
N VAL D 252 0.30 21.27 19.65
CA VAL D 252 0.14 22.63 19.14
C VAL D 252 1.51 23.27 18.87
N ARG D 253 2.46 23.09 19.79
CA ARG D 253 3.83 23.55 19.61
C ARG D 253 4.52 22.89 18.42
N GLU D 254 4.25 21.60 18.20
CA GLU D 254 4.77 20.85 17.05
C GLU D 254 4.15 21.33 15.74
N GLN D 255 2.93 21.86 15.86
CA GLN D 255 2.14 22.29 14.72
C GLN D 255 2.12 23.79 14.63
N ALA D 256 3.28 24.43 14.85
CA ALA D 256 3.41 25.87 14.80
C ALA D 256 2.94 26.42 13.46
N GLU D 257 3.39 25.81 12.36
CA GLU D 257 3.02 26.21 10.99
C GLU D 257 1.50 26.28 10.85
N ALA D 258 0.82 25.22 11.28
CA ALA D 258 -0.64 25.13 11.25
C ALA D 258 -1.27 26.18 12.16
N VAL D 259 -0.75 26.31 13.38
CA VAL D 259 -1.20 27.32 14.34
C VAL D 259 -1.06 28.73 13.73
N LYS D 260 0.09 29.00 13.12
CA LYS D 260 0.37 30.23 12.37
C LYS D 260 -0.54 30.46 11.17
N LYS D 261 -0.83 29.39 10.45
CA LYS D 261 -1.75 29.45 9.32
C LYS D 261 -3.13 29.98 9.76
N ILE D 262 -3.63 29.43 10.87
CA ILE D 262 -4.88 29.89 11.51
C ILE D 262 -4.77 31.35 12.00
N LEU D 263 -3.74 31.64 12.78
CA LEU D 263 -3.55 32.96 13.38
C LEU D 263 -3.52 34.09 12.35
N ASN D 264 -2.91 33.81 11.20
CA ASN D 264 -2.62 34.78 10.17
C ASN D 264 -3.55 34.68 8.97
N GLY D 265 -4.33 33.61 8.91
CA GLY D 265 -5.14 33.31 7.73
C GLY D 265 -6.63 33.20 7.99
N GLY D 266 -7.10 33.84 9.06
CA GLY D 266 -8.52 33.89 9.38
C GLY D 266 -9.10 32.58 9.91
N GLY D 267 -8.25 31.77 10.54
CA GLY D 267 -8.65 30.45 10.95
C GLY D 267 -9.26 30.44 12.33
N ARG D 268 -9.61 29.25 12.79
CA ARG D 268 -10.22 29.06 14.09
C ARG D 268 -9.58 27.94 14.89
N PHE D 269 -9.41 28.20 16.19
CA PHE D 269 -9.10 27.17 17.18
C PHE D 269 -10.35 26.88 17.99
N TYR D 270 -10.66 25.59 18.09
CA TYR D 270 -11.73 25.12 18.95
C TYR D 270 -11.06 24.24 19.96
N ILE D 271 -11.25 24.60 21.23
CA ILE D 271 -10.72 23.85 22.33
C ILE D 271 -11.89 23.32 23.15
N CYS D 272 -11.95 22.01 23.26
CA CYS D 272 -13.00 21.35 24.02
C CYS D 272 -12.39 20.23 24.85
N GLY D 273 -12.86 20.08 26.07
CA GLY D 273 -12.44 18.96 26.91
C GLY D 273 -12.13 19.33 28.34
N GLY D 274 -11.59 18.38 29.08
CA GLY D 274 -11.27 18.59 30.48
C GLY D 274 -9.78 18.57 30.76
N PRO D 275 -9.40 18.97 31.99
CA PRO D 275 -10.38 19.52 32.94
C PRO D 275 -10.61 21.01 32.69
N LYS D 276 -11.33 21.65 33.60
CA LYS D 276 -11.63 23.05 33.43
C LYS D 276 -10.33 23.84 33.37
N GLY D 277 -10.23 24.75 32.41
CA GLY D 277 -9.07 25.58 32.28
C GLY D 277 -7.93 24.93 31.52
N MET D 278 -8.14 23.71 31.03
CA MET D 278 -7.14 23.02 30.22
C MET D 278 -6.76 23.81 28.96
N GLU D 279 -7.62 24.75 28.55
CA GLU D 279 -7.39 25.54 27.35
C GLU D 279 -6.22 26.50 27.57
N LYS D 280 -5.98 26.84 28.84
CA LYS D 280 -4.91 27.76 29.20
C LYS D 280 -3.56 27.34 28.61
N GLY D 281 -3.12 26.11 28.90
CA GLY D 281 -1.83 25.65 28.39
C GLY D 281 -1.78 25.63 26.87
N VAL D 282 -2.90 25.24 26.27
CA VAL D 282 -3.06 25.26 24.82
C VAL D 282 -2.95 26.67 24.27
N ILE D 283 -3.76 27.58 24.82
CA ILE D 283 -3.78 28.96 24.36
C ILE D 283 -2.42 29.64 24.53
N GLU D 284 -1.77 29.43 25.67
CA GLU D 284 -0.47 30.08 25.90
C GLU D 284 0.64 29.53 24.98
N GLU D 285 0.39 28.35 24.42
CA GLU D 285 1.23 27.75 23.39
C GLU D 285 0.97 28.40 22.02
N ILE D 286 -0.32 28.60 21.71
CA ILE D 286 -0.76 29.36 20.55
C ILE D 286 -0.18 30.78 20.62
N GLN D 287 -0.20 31.38 21.81
CA GLN D 287 0.36 32.71 22.03
C GLN D 287 1.88 32.77 21.86
N LYS D 288 2.59 31.72 22.27
CA LYS D 288 4.02 31.63 22.04
C LYS D 288 4.33 31.67 20.54
N ILE D 289 3.51 30.97 19.77
CA ILE D 289 3.63 30.89 18.31
C ILE D 289 3.32 32.23 17.62
N SER D 290 2.28 32.92 18.12
CA SER D 290 1.87 34.22 17.61
C SER D 290 2.90 35.33 17.84
N GLY D 291 3.73 35.16 18.87
CA GLY D 291 4.69 36.20 19.24
C GLY D 291 4.02 37.39 19.93
N ASN D 292 2.71 37.27 20.14
CA ASN D 292 1.93 38.29 20.79
C ASN D 292 2.36 38.41 22.25
N THR D 293 2.68 39.65 22.63
CA THR D 293 3.29 39.93 23.93
C THR D 293 2.27 40.49 24.90
N GLY D 294 1.02 40.59 24.48
CA GLY D 294 -0.07 40.96 25.38
C GLY D 294 -0.16 39.98 26.52
N THR D 295 -1.08 40.20 27.44
CA THR D 295 -1.30 39.24 28.53
C THR D 295 -2.16 38.07 28.01
N TYR D 296 -2.07 36.92 28.69
CA TYR D 296 -2.77 35.69 28.28
C TYR D 296 -4.24 35.98 27.97
N GLU D 297 -4.82 36.78 28.84
CA GLU D 297 -6.23 37.11 28.88
C GLU D 297 -6.58 38.04 27.69
N GLU D 298 -5.74 39.04 27.44
CA GLU D 298 -5.85 39.91 26.26
C GLU D 298 -5.75 39.13 24.94
N PHE D 299 -4.85 38.16 24.89
CA PHE D 299 -4.64 37.34 23.70
C PHE D 299 -5.83 36.45 23.46
N LYS D 300 -6.24 35.76 24.52
CA LYS D 300 -7.39 34.88 24.49
C LYS D 300 -8.67 35.61 24.08
N HIS D 301 -9.06 36.63 24.83
CA HIS D 301 -10.34 37.29 24.59
C HIS D 301 -10.36 37.98 23.23
N HIS D 302 -9.20 38.49 22.85
CA HIS D 302 -9.08 39.07 21.53
C HIS D 302 -9.29 38.03 20.43
N LEU D 303 -8.66 36.88 20.60
CA LEU D 303 -8.74 35.78 19.64
C LEU D 303 -10.15 35.24 19.59
N GLU D 304 -10.82 35.19 20.76
CA GLU D 304 -12.23 34.83 20.85
C GLU D 304 -13.06 35.90 20.15
N GLY D 305 -12.77 37.16 20.48
CA GLY D 305 -13.41 38.31 19.84
C GLY D 305 -13.30 38.28 18.34
N ALA D 306 -12.16 37.82 17.83
CA ALA D 306 -11.93 37.76 16.40
C ALA D 306 -12.60 36.52 15.80
N HIS D 307 -13.21 35.72 16.67
CA HIS D 307 -13.83 34.44 16.30
C HIS D 307 -12.83 33.45 15.77
N GLN D 308 -11.64 33.48 16.36
CA GLN D 308 -10.56 32.61 15.95
C GLN D 308 -10.30 31.61 17.05
N LEU D 309 -11.01 31.78 18.16
CA LEU D 309 -10.85 30.96 19.34
C LEU D 309 -12.18 30.70 20.02
N PHE D 310 -12.48 29.42 20.19
CA PHE D 310 -13.72 28.96 20.80
C PHE D 310 -13.31 27.92 21.81
N VAL D 311 -13.67 28.16 23.07
CA VAL D 311 -13.36 27.20 24.11
C VAL D 311 -14.56 26.74 24.88
N GLU D 312 -14.58 25.44 25.16
CA GLU D 312 -15.60 24.79 25.96
C GLU D 312 -14.90 23.74 26.82
N THR D 313 -14.41 24.16 27.96
CA THR D 313 -13.67 23.24 28.80
C THR D 313 -14.43 23.03 30.09
N TYR D 314 -14.33 21.82 30.62
CA TYR D 314 -15.17 21.45 31.74
C TYR D 314 -14.47 20.39 32.59
#